data_8SSH
#
_entry.id   8SSH
#
_cell.length_a   57.923
_cell.length_b   85.709
_cell.length_c   211.556
_cell.angle_alpha   90.000
_cell.angle_beta   90.780
_cell.angle_gamma   90.000
#
_symmetry.space_group_name_H-M   'I 1 2 1'
#
loop_
_entity.id
_entity.type
_entity.pdbx_description
1 polymer 'HTH-type transcriptional regulator MtrR'
2 non-polymer 'Ethinyl estradiol'
3 non-polymer 'PHOSPHATE ION'
4 water water
#
_entity_poly.entity_id   1
_entity_poly.type   'polypeptide(L)'
_entity_poly.pdbx_seq_one_letter_code
;SNAMRKTKTEALKTKEHLMLAALETFYRKGIARTSLNEIAQAAGVTRGALYWHFKNKEDLFDALFQRICDDIENCIAQDA
ADAEGGSWTVFRHTLLHFFERLQSNDIHYKFHNILFLKCEHTEQNAAVIAIARKHQAIWREKITAVLTEAVENQDLADDL
DKETAVIFIKSTLDGLIWRWFSSGESFDLGKTAPRIIGIMMDNLENHPCLRRK
;
_entity_poly.pdbx_strand_id   C,D,A,B
#
# COMPACT_ATOMS: atom_id res chain seq x y z
N LYS A 13 30.42 -0.61 29.69
CA LYS A 13 30.06 0.43 30.65
C LYS A 13 29.02 1.35 30.04
N THR A 14 29.48 2.47 29.46
CA THR A 14 28.54 3.43 28.89
C THR A 14 27.85 2.87 27.65
N LYS A 15 28.30 1.72 27.13
CA LYS A 15 27.50 0.99 26.15
C LYS A 15 26.11 0.69 26.69
N GLU A 16 26.05 0.15 27.91
CA GLU A 16 24.75 -0.15 28.51
C GLU A 16 24.05 1.11 28.96
N HIS A 17 24.81 2.13 29.40
CA HIS A 17 24.20 3.38 29.85
C HIS A 17 23.31 3.98 28.77
N LEU A 18 23.78 3.96 27.51
CA LEU A 18 22.95 4.47 26.41
C LEU A 18 21.78 3.53 26.14
N MET A 19 22.01 2.22 26.25
CA MET A 19 20.98 1.24 25.91
C MET A 19 19.67 1.47 26.66
N LEU A 20 19.76 1.82 27.95
CA LEU A 20 18.53 2.09 28.69
C LEU A 20 18.01 3.50 28.41
N ALA A 21 18.92 4.45 28.22
CA ALA A 21 18.52 5.77 27.75
C ALA A 21 17.67 5.67 26.50
N ALA A 22 18.02 4.78 25.58
CA ALA A 22 17.15 4.58 24.42
C ALA A 22 15.83 3.97 24.85
N LEU A 23 15.87 3.03 25.80
CA LEU A 23 14.67 2.32 26.22
C LEU A 23 13.69 3.26 26.89
N GLU A 24 14.14 3.97 27.93
CA GLU A 24 13.32 5.00 28.57
C GLU A 24 12.72 5.96 27.55
N THR A 25 13.56 6.66 26.80
CA THR A 25 13.07 7.60 25.79
C THR A 25 12.08 6.96 24.83
N PHE A 26 12.47 5.86 24.16
CA PHE A 26 11.53 5.15 23.31
C PHE A 26 10.20 4.95 24.01
N TYR A 27 10.26 4.56 25.29
CA TYR A 27 9.05 4.35 26.09
C TYR A 27 8.30 5.67 26.28
N ARG A 28 8.93 6.64 26.91
CA ARG A 28 8.29 7.91 27.16
C ARG A 28 8.11 8.77 25.91
N LYS A 29 8.20 8.22 24.70
CA LYS A 29 8.11 9.09 23.52
C LYS A 29 7.84 8.35 22.21
N GLY A 30 7.81 7.02 22.22
CA GLY A 30 7.66 6.31 20.96
C GLY A 30 8.94 6.36 20.16
N ILE A 31 9.12 5.47 19.19
CA ILE A 31 10.41 5.39 18.52
C ILE A 31 10.65 6.60 17.65
N ALA A 32 9.66 6.95 16.82
CA ALA A 32 9.91 7.87 15.70
C ALA A 32 10.30 9.28 16.18
N ARG A 33 9.61 9.81 17.18
CA ARG A 33 9.92 11.16 17.64
C ARG A 33 11.09 11.15 18.61
N THR A 34 11.99 10.16 18.48
CA THR A 34 13.19 10.02 19.30
C THR A 34 14.41 10.17 18.42
N SER A 35 15.19 11.22 18.65
CA SER A 35 16.42 11.47 17.92
C SER A 35 17.61 10.88 18.65
N LEU A 36 18.57 10.37 17.88
CA LEU A 36 19.87 9.88 18.36
C LEU A 36 20.45 10.85 19.37
N ASN A 37 20.18 12.13 19.16
CA ASN A 37 20.66 13.17 20.06
C ASN A 37 20.00 13.04 21.43
N GLU A 38 18.67 12.87 21.45
CA GLU A 38 17.94 12.84 22.72
C GLU A 38 18.45 11.72 23.61
N ILE A 39 18.67 10.54 23.01
CA ILE A 39 19.19 9.36 23.70
C ILE A 39 20.53 9.64 24.39
N ALA A 40 21.31 10.60 23.85
CA ALA A 40 22.61 10.91 24.45
C ALA A 40 22.50 11.89 25.61
N GLN A 41 21.71 12.97 25.46
CA GLN A 41 21.50 13.90 26.56
C GLN A 41 20.75 13.25 27.73
N ALA A 42 20.17 12.08 27.50
CA ALA A 42 19.68 11.21 28.54
C ALA A 42 20.77 10.30 29.13
N ALA A 43 21.72 9.84 28.30
CA ALA A 43 22.72 8.87 28.75
C ALA A 43 23.90 9.50 29.48
N GLY A 44 24.20 10.79 29.23
CA GLY A 44 25.37 11.40 29.79
C GLY A 44 26.57 11.40 28.88
N VAL A 45 26.43 10.85 27.67
CA VAL A 45 27.52 10.86 26.71
C VAL A 45 27.27 11.99 25.72
N THR A 46 28.20 12.22 24.82
CA THR A 46 28.01 13.19 23.76
C THR A 46 27.59 12.45 22.48
N ARG A 47 27.48 13.19 21.36
CA ARG A 47 27.09 12.52 20.12
C ARG A 47 28.21 11.60 19.62
N GLY A 48 29.47 11.99 19.82
CA GLY A 48 30.57 11.14 19.40
C GLY A 48 30.62 9.84 20.17
N ALA A 49 30.64 9.92 21.50
CA ALA A 49 30.54 8.72 22.33
C ALA A 49 29.27 7.90 22.01
N LEU A 50 28.18 8.55 21.59
CA LEU A 50 27.07 7.78 21.05
C LEU A 50 27.48 7.09 19.76
N TYR A 51 27.96 7.88 18.79
CA TYR A 51 28.19 7.34 17.45
C TYR A 51 29.29 6.30 17.45
N TRP A 52 30.26 6.47 18.35
CA TRP A 52 31.31 5.49 18.52
C TRP A 52 30.71 4.14 18.80
N HIS A 53 29.72 4.12 19.70
CA HIS A 53 29.02 2.89 20.06
C HIS A 53 27.95 2.49 19.03
N PHE A 54 27.27 3.45 18.40
CA PHE A 54 26.15 3.11 17.52
C PHE A 54 26.07 4.02 16.31
N LYS A 55 25.81 3.38 15.16
CA LYS A 55 25.81 4.08 13.87
C LYS A 55 24.56 4.94 13.68
N ASN A 56 23.42 4.48 14.21
CA ASN A 56 22.10 5.08 13.99
C ASN A 56 21.12 4.43 14.96
N LYS A 57 19.87 4.89 14.92
CA LYS A 57 18.76 4.33 15.71
C LYS A 57 18.60 2.84 15.49
N GLU A 58 18.37 2.43 14.23
CA GLU A 58 17.94 1.06 13.97
C GLU A 58 18.85 0.06 14.64
N ASP A 59 20.10 0.45 14.91
CA ASP A 59 21.10 -0.42 15.52
C ASP A 59 21.10 -0.36 17.06
N LEU A 60 20.89 0.82 17.67
CA LEU A 60 20.47 0.82 19.08
C LEU A 60 19.18 0.03 19.28
N PHE A 61 18.34 -0.02 18.25
CA PHE A 61 17.14 -0.82 18.35
C PHE A 61 17.46 -2.31 18.25
N ASP A 62 18.19 -2.69 17.20
CA ASP A 62 18.83 -3.99 17.00
C ASP A 62 19.47 -4.47 18.28
N ALA A 63 20.15 -3.57 18.98
CA ALA A 63 20.89 -3.96 20.17
C ALA A 63 19.99 -4.29 21.36
N LEU A 64 18.84 -3.60 21.49
CA LEU A 64 17.91 -3.90 22.56
C LEU A 64 17.15 -5.19 22.27
N PHE A 65 16.67 -5.32 21.04
CA PHE A 65 15.95 -6.52 20.63
C PHE A 65 16.79 -7.76 20.87
N GLN A 66 18.09 -7.67 20.61
CA GLN A 66 18.98 -8.78 20.93
C GLN A 66 19.00 -9.03 22.43
N ARG A 67 19.23 -7.98 23.23
CA ARG A 67 19.33 -8.15 24.69
C ARG A 67 18.10 -8.81 25.27
N ILE A 68 16.92 -8.53 24.72
CA ILE A 68 15.72 -9.21 25.18
C ILE A 68 15.79 -10.68 24.81
N CYS A 69 16.04 -10.97 23.54
CA CYS A 69 16.29 -12.35 23.12
C CYS A 69 17.41 -12.97 23.93
N ASP A 70 18.45 -12.20 24.24
CA ASP A 70 19.55 -12.71 25.05
C ASP A 70 19.05 -13.14 26.42
N ASP A 71 18.46 -12.21 27.18
CA ASP A 71 17.85 -12.51 28.48
C ASP A 71 16.94 -13.72 28.39
N ILE A 72 16.21 -13.83 27.28
CA ILE A 72 15.21 -14.87 27.12
C ILE A 72 15.87 -16.22 26.92
N GLU A 73 16.81 -16.31 25.97
CA GLU A 73 17.48 -17.58 25.68
C GLU A 73 18.49 -17.96 26.78
N ASN A 74 18.96 -16.99 27.59
CA ASN A 74 19.89 -17.24 28.68
C ASN A 74 19.21 -17.58 30.00
N CYS A 75 18.01 -18.17 29.95
CA CYS A 75 17.26 -18.57 31.13
C CYS A 75 16.80 -20.01 31.06
N ILE A 76 17.37 -20.82 30.16
CA ILE A 76 16.86 -22.17 29.97
C ILE A 76 17.35 -23.08 31.10
N ALA A 77 16.40 -23.49 31.95
CA ALA A 77 16.65 -24.15 33.23
C ALA A 77 15.58 -25.21 33.45
N GLN A 78 15.97 -26.34 34.06
CA GLN A 78 15.25 -27.62 33.98
C GLN A 78 15.05 -28.31 35.35
N GLY A 85 11.53 -34.40 33.24
CA GLY A 85 11.41 -33.26 32.35
C GLY A 85 10.90 -33.62 30.96
N GLY A 86 11.61 -33.16 29.94
CA GLY A 86 11.26 -33.41 28.56
C GLY A 86 11.76 -32.30 27.66
N SER A 87 11.27 -32.29 26.42
CA SER A 87 11.52 -31.22 25.46
C SER A 87 10.37 -30.22 25.44
N TRP A 88 9.29 -30.61 24.75
CA TRP A 88 7.99 -29.95 24.77
C TRP A 88 7.57 -29.49 26.16
N THR A 89 8.01 -30.23 27.18
CA THR A 89 7.84 -29.89 28.59
C THR A 89 8.65 -28.65 28.97
N VAL A 90 9.58 -28.21 28.13
CA VAL A 90 10.40 -27.06 28.46
C VAL A 90 9.88 -25.79 27.78
N PHE A 91 9.46 -25.91 26.52
CA PHE A 91 8.80 -24.81 25.84
C PHE A 91 7.73 -24.18 26.73
N ARG A 92 6.84 -25.02 27.28
CA ARG A 92 5.87 -24.56 28.29
C ARG A 92 6.53 -23.76 29.41
N HIS A 93 7.73 -24.15 29.83
CA HIS A 93 8.39 -23.47 30.94
C HIS A 93 8.86 -22.09 30.53
N THR A 94 9.50 -21.99 29.38
CA THR A 94 9.98 -20.70 28.95
C THR A 94 8.83 -19.82 28.45
N LEU A 95 7.71 -20.43 28.08
CA LEU A 95 6.50 -19.63 27.88
C LEU A 95 6.03 -19.02 29.19
N LEU A 96 5.70 -19.85 30.16
CA LEU A 96 5.28 -19.26 31.43
C LEU A 96 6.34 -18.29 31.98
N HIS A 97 7.61 -18.55 31.69
CA HIS A 97 8.70 -17.70 32.13
C HIS A 97 8.74 -16.39 31.35
N PHE A 98 8.21 -16.39 30.12
CA PHE A 98 8.16 -15.18 29.31
C PHE A 98 7.13 -14.20 29.85
N PHE A 99 5.89 -14.65 30.04
CA PHE A 99 4.85 -13.75 30.51
C PHE A 99 5.06 -13.33 31.95
N GLU A 100 5.80 -14.09 32.75
CA GLU A 100 6.16 -13.64 34.08
C GLU A 100 7.09 -12.44 34.02
N ARG A 101 8.15 -12.55 33.21
CA ARG A 101 9.10 -11.46 33.02
C ARG A 101 8.39 -10.20 32.52
N LEU A 102 7.41 -10.36 31.62
CA LEU A 102 6.64 -9.23 31.12
C LEU A 102 5.98 -8.41 32.22
N GLN A 103 5.92 -8.95 33.43
CA GLN A 103 5.27 -8.31 34.56
C GLN A 103 6.25 -7.77 35.57
N SER A 104 7.30 -8.55 35.82
CA SER A 104 8.22 -8.34 36.91
C SER A 104 9.52 -7.69 36.48
N ASN A 105 9.81 -7.65 35.17
CA ASN A 105 11.11 -7.26 34.65
C ASN A 105 10.95 -5.95 33.90
N ASP A 106 11.47 -4.87 34.46
CA ASP A 106 11.11 -3.55 33.96
C ASP A 106 11.48 -3.41 32.50
N ILE A 107 12.64 -3.95 32.13
CA ILE A 107 13.16 -3.80 30.78
C ILE A 107 12.31 -4.59 29.79
N HIS A 108 11.95 -5.82 30.13
CA HIS A 108 11.17 -6.61 29.19
C HIS A 108 9.77 -6.04 29.04
N TYR A 109 9.26 -5.39 30.08
CA TYR A 109 7.97 -4.74 29.98
C TYR A 109 8.04 -3.50 29.09
N LYS A 110 8.96 -2.58 29.40
CA LYS A 110 9.11 -1.39 28.57
C LYS A 110 9.42 -1.73 27.12
N PHE A 111 10.02 -2.89 26.85
CA PHE A 111 10.42 -3.15 25.48
C PHE A 111 9.24 -3.61 24.62
N HIS A 112 8.46 -4.58 25.10
CA HIS A 112 7.32 -5.02 24.32
C HIS A 112 6.18 -4.02 24.38
N ASN A 113 6.19 -3.15 25.39
CA ASN A 113 5.33 -1.97 25.39
C ASN A 113 5.65 -1.04 24.23
N ILE A 114 6.94 -0.91 23.88
CA ILE A 114 7.35 -0.15 22.71
C ILE A 114 7.07 -0.94 21.43
N LEU A 115 7.51 -2.20 21.41
CA LEU A 115 7.42 -3.01 20.19
C LEU A 115 5.97 -3.16 19.74
N PHE A 116 5.05 -3.28 20.70
CA PHE A 116 3.62 -3.45 20.42
C PHE A 116 2.86 -2.15 20.31
N LEU A 117 3.27 -1.07 20.98
CA LEU A 117 2.47 0.16 20.95
C LEU A 117 3.19 1.30 20.24
N LYS A 118 4.29 1.78 20.79
CA LYS A 118 4.92 3.01 20.33
C LYS A 118 5.88 2.81 19.16
N CYS A 119 5.55 1.94 18.18
CA CYS A 119 6.40 1.74 16.98
C CYS A 119 5.51 1.76 15.73
N GLU A 120 5.13 2.96 15.30
CA GLU A 120 4.10 3.04 14.27
C GLU A 120 4.66 2.75 12.88
N HIS A 121 3.83 2.12 12.04
CA HIS A 121 4.22 1.69 10.71
C HIS A 121 4.19 2.84 9.70
N THR A 122 5.10 3.79 9.88
CA THR A 122 5.23 4.84 8.89
C THR A 122 6.56 4.68 8.17
N GLU A 123 6.88 5.63 7.28
CA GLU A 123 8.09 5.59 6.47
C GLU A 123 9.29 6.14 7.21
N GLN A 124 9.11 6.70 8.40
CA GLN A 124 10.23 7.06 9.24
C GLN A 124 10.68 5.88 10.09
N ASN A 125 9.75 5.28 10.83
CA ASN A 125 10.06 4.06 11.56
C ASN A 125 10.48 2.95 10.62
N ALA A 126 10.13 3.07 9.33
CA ALA A 126 10.45 2.11 8.28
C ALA A 126 11.87 1.57 8.44
N ALA A 127 12.78 2.48 8.81
CA ALA A 127 14.14 2.11 9.18
C ALA A 127 14.20 0.93 10.16
N VAL A 128 13.48 1.05 11.28
CA VAL A 128 13.57 0.11 12.38
C VAL A 128 12.54 -1.00 12.31
N ILE A 129 11.54 -0.90 11.43
CA ILE A 129 10.59 -2.00 11.33
C ILE A 129 11.28 -3.22 10.73
N ALA A 130 12.32 -3.01 9.91
CA ALA A 130 13.10 -4.12 9.35
C ALA A 130 13.76 -4.93 10.44
N ILE A 131 14.42 -4.24 11.38
CA ILE A 131 15.06 -4.91 12.51
C ILE A 131 14.03 -5.75 13.24
N ALA A 132 12.92 -5.12 13.64
CA ALA A 132 11.82 -5.80 14.28
C ALA A 132 11.39 -7.04 13.49
N ARG A 133 11.05 -6.85 12.22
CA ARG A 133 10.73 -8.01 11.37
C ARG A 133 11.83 -9.06 11.47
N LYS A 134 13.10 -8.60 11.43
CA LYS A 134 14.25 -9.50 11.40
C LYS A 134 14.32 -10.36 12.65
N HIS A 135 14.23 -9.75 13.83
CA HIS A 135 14.13 -10.54 15.04
C HIS A 135 12.86 -11.35 15.06
N GLN A 136 11.75 -10.79 14.59
CA GLN A 136 10.49 -11.52 14.64
C GLN A 136 10.51 -12.77 13.77
N ALA A 137 11.39 -12.82 12.76
CA ALA A 137 11.50 -14.01 11.91
C ALA A 137 12.44 -15.07 12.48
N ILE A 138 13.41 -14.67 13.31
CA ILE A 138 14.24 -15.66 14.00
C ILE A 138 13.36 -16.53 14.89
N TRP A 139 12.59 -15.89 15.77
CA TRP A 139 11.49 -16.51 16.48
C TRP A 139 10.75 -17.54 15.64
N ARG A 140 10.26 -17.13 14.47
CA ARG A 140 9.46 -18.05 13.65
C ARG A 140 10.24 -19.33 13.36
N GLU A 141 11.55 -19.22 13.09
CA GLU A 141 12.29 -20.45 12.86
C GLU A 141 12.63 -21.18 14.16
N LYS A 142 12.88 -20.46 15.27
CA LYS A 142 13.10 -21.14 16.55
C LYS A 142 11.81 -21.76 17.07
N ILE A 143 10.66 -21.21 16.71
CA ILE A 143 9.42 -21.94 16.96
C ILE A 143 9.37 -23.18 16.10
N THR A 144 9.47 -23.00 14.77
CA THR A 144 9.43 -24.16 13.88
C THR A 144 10.45 -25.20 14.26
N ALA A 145 11.51 -24.79 14.95
CA ALA A 145 12.48 -25.74 15.49
C ALA A 145 11.90 -26.53 16.66
N VAL A 146 11.45 -25.82 17.69
CA VAL A 146 10.79 -26.48 18.81
C VAL A 146 9.73 -27.44 18.30
N LEU A 147 8.87 -26.96 17.40
CA LEU A 147 7.84 -27.81 16.81
C LEU A 147 8.44 -29.07 16.19
N THR A 148 9.57 -28.93 15.48
CA THR A 148 10.16 -30.11 14.85
C THR A 148 10.64 -31.12 15.88
N GLU A 149 11.35 -30.65 16.90
CA GLU A 149 11.87 -31.55 17.91
C GLU A 149 10.76 -32.18 18.75
N ALA A 150 9.58 -31.59 18.75
CA ALA A 150 8.46 -32.19 19.45
C ALA A 150 7.85 -33.31 18.62
N VAL A 151 7.75 -33.11 17.30
CA VAL A 151 7.23 -34.16 16.44
C VAL A 151 8.16 -35.37 16.44
N GLU A 152 9.47 -35.12 16.39
CA GLU A 152 10.44 -36.22 16.47
C GLU A 152 10.29 -36.95 17.80
N ASN A 153 10.40 -36.22 18.91
CA ASN A 153 10.25 -36.80 20.24
C ASN A 153 8.82 -37.26 20.53
N GLN A 154 7.97 -37.36 19.50
CA GLN A 154 6.65 -37.99 19.59
C GLN A 154 5.75 -37.29 20.59
N ASP A 155 5.95 -35.97 20.77
CA ASP A 155 5.08 -35.12 21.55
C ASP A 155 3.95 -34.58 20.71
N LEU A 156 4.27 -34.11 19.53
CA LEU A 156 3.25 -33.71 18.58
C LEU A 156 3.11 -34.78 17.52
N ALA A 157 2.05 -34.67 16.74
CA ALA A 157 1.81 -35.68 15.73
C ALA A 157 2.67 -35.43 14.50
N ASP A 158 2.82 -36.47 13.69
CA ASP A 158 3.69 -36.38 12.53
C ASP A 158 3.07 -35.47 11.47
N ASP A 159 1.77 -35.58 11.26
CA ASP A 159 1.05 -34.78 10.29
C ASP A 159 0.74 -33.38 10.79
N LEU A 160 1.47 -32.89 11.78
CA LEU A 160 1.29 -31.53 12.28
C LEU A 160 1.78 -30.54 11.21
N ASP A 161 0.85 -30.04 10.41
CA ASP A 161 1.03 -28.83 9.61
C ASP A 161 1.85 -27.80 10.38
N LYS A 162 3.18 -27.98 10.41
CA LYS A 162 4.06 -27.17 11.25
C LYS A 162 4.05 -25.70 10.84
N GLU A 163 3.63 -25.39 9.61
CA GLU A 163 3.59 -23.98 9.24
C GLU A 163 2.40 -23.27 9.88
N THR A 164 1.23 -23.93 9.92
CA THR A 164 0.06 -23.34 10.57
C THR A 164 0.23 -23.32 12.08
N ALA A 165 0.94 -24.28 12.63
CA ALA A 165 1.30 -24.18 14.05
C ALA A 165 2.03 -22.88 14.31
N VAL A 166 2.95 -22.51 13.43
CA VAL A 166 3.77 -21.34 13.65
C VAL A 166 2.89 -20.11 13.78
N ILE A 167 2.03 -19.88 12.78
CA ILE A 167 1.09 -18.75 12.80
C ILE A 167 0.22 -18.79 14.04
N PHE A 168 -0.44 -19.94 14.26
CA PHE A 168 -1.28 -20.18 15.43
C PHE A 168 -0.58 -19.70 16.70
N ILE A 169 0.61 -20.22 16.96
CA ILE A 169 1.28 -19.94 18.23
C ILE A 169 1.50 -18.45 18.41
N LYS A 170 2.22 -17.82 17.49
CA LYS A 170 2.51 -16.39 17.64
C LYS A 170 1.23 -15.59 17.74
N SER A 171 0.29 -15.84 16.82
CA SER A 171 -0.95 -15.07 16.83
C SER A 171 -1.63 -15.15 18.19
N THR A 172 -1.76 -16.37 18.75
CA THR A 172 -2.32 -16.56 20.08
C THR A 172 -1.55 -15.78 21.13
N LEU A 173 -0.23 -15.84 21.07
CA LEU A 173 0.53 -15.29 22.18
C LEU A 173 0.84 -13.83 21.97
N ASP A 174 1.09 -13.41 20.72
CA ASP A 174 1.13 -11.98 20.42
C ASP A 174 -0.22 -11.34 20.73
N GLY A 175 -1.31 -12.04 20.38
CA GLY A 175 -2.64 -11.52 20.67
C GLY A 175 -2.91 -11.36 22.15
N LEU A 176 -2.44 -12.33 22.96
CA LEU A 176 -2.48 -12.14 24.41
C LEU A 176 -1.69 -10.89 24.79
N ILE A 177 -0.46 -10.77 24.30
CA ILE A 177 0.40 -9.65 24.69
C ILE A 177 -0.23 -8.34 24.27
N TRP A 178 -0.66 -8.27 23.01
CA TRP A 178 -1.19 -7.02 22.46
C TRP A 178 -2.37 -6.53 23.28
N ARG A 179 -3.40 -7.37 23.39
CA ARG A 179 -4.60 -7.03 24.15
C ARG A 179 -4.26 -6.54 25.55
N TRP A 180 -3.50 -7.33 26.31
CA TRP A 180 -3.05 -6.90 27.63
C TRP A 180 -2.42 -5.51 27.59
N PHE A 181 -1.45 -5.30 26.71
CA PHE A 181 -0.79 -3.99 26.61
C PHE A 181 -1.78 -2.91 26.23
N SER A 182 -2.49 -3.11 25.11
CA SER A 182 -3.35 -2.06 24.59
C SER A 182 -4.55 -1.84 25.50
N SER A 183 -5.02 -2.87 26.17
CA SER A 183 -6.14 -2.68 27.08
C SER A 183 -5.79 -1.75 28.24
N GLY A 184 -4.54 -1.36 28.38
CA GLY A 184 -4.14 -0.67 29.59
C GLY A 184 -3.86 -1.58 30.75
N GLU A 185 -3.51 -2.85 30.48
CA GLU A 185 -3.32 -3.88 31.49
C GLU A 185 -4.55 -3.99 32.38
N SER A 186 -5.68 -4.24 31.72
CA SER A 186 -6.96 -4.35 32.41
C SER A 186 -7.18 -5.71 33.06
N PHE A 187 -6.32 -6.70 32.81
CA PHE A 187 -6.54 -8.04 33.34
C PHE A 187 -5.24 -8.67 33.83
N ASP A 188 -5.40 -9.63 34.71
CA ASP A 188 -4.30 -10.30 35.39
C ASP A 188 -3.64 -11.30 34.45
N LEU A 189 -2.56 -10.86 33.78
CA LEU A 189 -1.78 -11.77 32.95
C LEU A 189 -1.18 -12.92 33.74
N GLY A 190 -0.97 -12.75 35.05
CA GLY A 190 -0.58 -13.88 35.87
C GLY A 190 -1.55 -15.05 35.76
N LYS A 191 -2.86 -14.76 35.92
CA LYS A 191 -3.84 -15.84 35.92
C LYS A 191 -4.24 -16.23 34.50
N THR A 192 -4.23 -15.27 33.57
CA THR A 192 -4.70 -15.56 32.22
C THR A 192 -3.69 -16.45 31.48
N ALA A 193 -2.43 -16.01 31.43
CA ALA A 193 -1.43 -16.60 30.54
C ALA A 193 -1.31 -18.11 30.65
N PRO A 194 -1.15 -18.72 31.85
CA PRO A 194 -1.05 -20.20 31.88
C PRO A 194 -2.27 -20.85 31.30
N ARG A 195 -3.44 -20.34 31.64
CA ARG A 195 -4.68 -20.89 31.12
C ARG A 195 -4.78 -20.65 29.61
N ILE A 196 -4.20 -19.55 29.12
CA ILE A 196 -4.12 -19.35 27.68
C ILE A 196 -3.15 -20.36 27.07
N ILE A 197 -1.89 -20.36 27.54
CA ILE A 197 -0.87 -21.28 27.00
C ILE A 197 -1.38 -22.71 27.05
N GLY A 198 -1.92 -23.10 28.21
CA GLY A 198 -2.51 -24.42 28.33
C GLY A 198 -3.47 -24.73 27.20
N ILE A 199 -4.41 -23.84 26.94
CA ILE A 199 -5.37 -24.12 25.88
C ILE A 199 -4.64 -24.32 24.56
N MET A 200 -3.62 -23.48 24.31
CA MET A 200 -2.87 -23.51 23.06
C MET A 200 -2.02 -24.77 22.96
N MET A 201 -1.43 -25.19 24.08
CA MET A 201 -0.60 -26.40 24.12
C MET A 201 -1.42 -27.63 23.81
N ASP A 202 -2.52 -27.84 24.52
CA ASP A 202 -3.37 -28.98 24.22
C ASP A 202 -3.85 -28.95 22.78
N ASN A 203 -4.08 -27.74 22.24
CA ASN A 203 -4.50 -27.61 20.85
C ASN A 203 -3.45 -28.17 19.91
N LEU A 204 -2.22 -27.67 20.03
CA LEU A 204 -1.14 -28.13 19.15
C LEU A 204 -1.03 -29.65 19.19
N GLU A 205 -1.01 -30.22 20.40
CA GLU A 205 -0.96 -31.67 20.54
C GLU A 205 -2.11 -32.33 19.80
N ASN A 206 -3.35 -31.93 20.11
CA ASN A 206 -4.51 -32.77 19.88
C ASN A 206 -5.49 -32.31 18.80
N HIS A 207 -5.33 -31.10 18.23
CA HIS A 207 -6.53 -30.72 17.47
C HIS A 207 -6.41 -31.05 15.97
N PRO A 208 -7.48 -31.58 15.36
CA PRO A 208 -7.41 -32.02 13.95
C PRO A 208 -7.47 -30.91 12.90
N CYS A 209 -7.65 -29.64 13.25
CA CYS A 209 -7.50 -28.58 12.25
C CYS A 209 -6.05 -28.11 12.11
N LEU A 210 -5.13 -28.65 12.91
CA LEU A 210 -3.72 -28.39 12.71
C LEU A 210 -3.00 -29.53 11.98
N ARG A 211 -3.72 -30.42 11.32
CA ARG A 211 -3.13 -31.56 10.62
C ARG A 211 -3.36 -31.43 9.12
N ARG A 212 -2.33 -31.79 8.36
CA ARG A 212 -2.26 -31.47 6.94
C ARG A 212 -3.35 -32.15 6.11
N LYS A 213 -3.23 -33.45 5.88
CA LYS A 213 -4.18 -34.17 5.02
C LYS A 213 -5.33 -34.78 5.82
N LYS B 13 -24.36 12.08 4.07
CA LYS B 13 -24.29 13.29 3.25
C LYS B 13 -22.84 13.55 2.83
N THR B 14 -22.54 14.83 2.56
CA THR B 14 -21.15 15.25 2.34
C THR B 14 -20.22 14.89 3.49
N LYS B 15 -20.77 14.66 4.68
CA LYS B 15 -20.01 14.10 5.79
C LYS B 15 -19.17 12.91 5.32
N GLU B 16 -19.84 11.83 4.89
CA GLU B 16 -19.15 10.65 4.43
C GLU B 16 -18.06 10.98 3.42
N HIS B 17 -18.30 12.00 2.58
CA HIS B 17 -17.25 12.47 1.69
C HIS B 17 -16.07 13.03 2.47
N LEU B 18 -16.34 13.75 3.57
CA LEU B 18 -15.23 14.28 4.35
C LEU B 18 -14.54 13.16 5.15
N MET B 19 -15.28 12.13 5.54
CA MET B 19 -14.70 11.05 6.34
C MET B 19 -13.73 10.21 5.53
N LEU B 20 -14.17 9.72 4.37
CA LEU B 20 -13.30 8.89 3.55
C LEU B 20 -12.01 9.61 3.23
N ALA B 21 -11.99 10.94 3.34
CA ALA B 21 -10.74 11.67 3.22
C ALA B 21 -9.87 11.43 4.43
N ALA B 22 -10.42 11.64 5.63
CA ALA B 22 -9.67 11.43 6.86
C ALA B 22 -9.23 9.98 6.99
N LEU B 23 -10.16 9.05 6.76
CA LEU B 23 -9.78 7.63 6.69
C LEU B 23 -8.60 7.44 5.76
N GLU B 24 -8.66 8.06 4.60
CA GLU B 24 -7.57 7.88 3.65
C GLU B 24 -6.29 8.55 4.13
N THR B 25 -6.41 9.71 4.78
CA THR B 25 -5.23 10.44 5.24
C THR B 25 -4.59 9.77 6.45
N PHE B 26 -5.41 9.32 7.41
CA PHE B 26 -4.92 8.46 8.49
C PHE B 26 -4.12 7.29 7.94
N TYR B 27 -4.50 6.81 6.75
CA TYR B 27 -3.90 5.60 6.20
C TYR B 27 -2.59 5.88 5.45
N ARG B 28 -2.45 7.06 4.84
CA ARG B 28 -1.19 7.35 4.18
C ARG B 28 -0.12 7.75 5.19
N LYS B 29 -0.46 8.52 6.24
CA LYS B 29 0.56 9.10 7.13
C LYS B 29 0.41 8.85 8.63
N GLY B 30 -0.59 8.06 9.08
CA GLY B 30 -0.83 7.85 10.50
C GLY B 30 -1.60 8.99 11.14
N ILE B 31 -2.14 8.70 12.33
CA ILE B 31 -3.11 9.61 12.94
C ILE B 31 -2.45 10.81 13.57
N ALA B 32 -1.40 10.57 14.37
CA ALA B 32 -0.76 11.68 15.06
C ALA B 32 -0.13 12.64 14.06
N ARG B 33 0.48 12.09 13.00
CA ARG B 33 1.13 12.87 11.95
C ARG B 33 0.13 13.51 10.99
N THR B 34 -1.16 13.48 11.26
CA THR B 34 -2.17 14.08 10.39
C THR B 34 -2.65 15.40 11.00
N SER B 35 -3.04 16.33 10.13
CA SER B 35 -3.61 17.61 10.50
C SER B 35 -4.97 17.77 9.84
N LEU B 36 -5.86 18.52 10.51
CA LEU B 36 -7.17 18.81 9.94
C LEU B 36 -7.05 19.48 8.58
N ASN B 37 -6.22 20.52 8.53
CA ASN B 37 -5.83 21.22 7.31
C ASN B 37 -5.69 20.26 6.14
N GLU B 38 -4.85 19.24 6.34
CA GLU B 38 -4.59 18.20 5.33
C GLU B 38 -5.85 17.44 4.95
N ILE B 39 -6.59 16.96 5.95
CA ILE B 39 -7.83 16.21 5.68
C ILE B 39 -8.77 17.07 4.84
N ALA B 40 -8.91 18.33 5.21
CA ALA B 40 -9.78 19.26 4.48
C ALA B 40 -9.41 19.30 3.01
N GLN B 41 -8.11 19.22 2.71
CA GLN B 41 -7.67 19.17 1.32
C GLN B 41 -8.11 17.91 0.59
N ALA B 42 -7.91 16.74 1.21
CA ALA B 42 -8.24 15.49 0.53
C ALA B 42 -9.65 15.50 -0.03
N ALA B 43 -10.63 15.89 0.79
CA ALA B 43 -12.01 15.98 0.31
C ALA B 43 -12.32 17.35 -0.26
N GLY B 44 -11.30 18.19 -0.45
CA GLY B 44 -11.44 19.46 -1.14
C GLY B 44 -12.54 20.35 -0.62
N VAL B 45 -12.60 20.55 0.70
CA VAL B 45 -13.47 21.54 1.32
C VAL B 45 -12.58 22.43 2.17
N THR B 46 -13.16 23.52 2.67
CA THR B 46 -12.35 24.48 3.39
C THR B 46 -12.22 24.08 4.86
N ARG B 47 -11.07 24.43 5.46
CA ARG B 47 -10.86 24.13 6.88
C ARG B 47 -12.01 24.67 7.73
N GLY B 48 -12.55 25.83 7.35
CA GLY B 48 -13.77 26.30 7.97
C GLY B 48 -14.99 25.46 7.64
N ALA B 49 -14.98 24.83 6.45
CA ALA B 49 -16.11 24.00 6.05
C ALA B 49 -16.20 22.73 6.90
N LEU B 50 -15.11 21.98 7.01
CA LEU B 50 -15.25 20.71 7.70
C LEU B 50 -15.46 20.95 9.19
N TYR B 51 -14.96 22.08 9.72
CA TYR B 51 -15.16 22.35 11.14
C TYR B 51 -16.64 22.28 11.51
N TRP B 52 -17.51 22.66 10.57
CA TRP B 52 -18.94 22.59 10.81
C TRP B 52 -19.40 21.17 11.12
N HIS B 53 -18.73 20.17 10.55
CA HIS B 53 -19.14 18.77 10.73
C HIS B 53 -18.33 18.06 11.82
N PHE B 54 -17.01 18.28 11.85
CA PHE B 54 -16.12 17.72 12.86
C PHE B 54 -15.23 18.84 13.39
N LYS B 55 -15.02 18.88 14.69
CA LYS B 55 -14.20 19.95 15.27
C LYS B 55 -12.71 19.60 15.35
N ASN B 56 -12.32 18.36 15.07
CA ASN B 56 -10.93 17.95 15.26
C ASN B 56 -10.74 16.55 14.68
N LYS B 57 -9.50 16.07 14.75
CA LYS B 57 -9.18 14.75 14.23
C LYS B 57 -9.97 13.66 14.94
N GLU B 58 -10.24 13.89 16.21
CA GLU B 58 -10.80 12.85 17.06
C GLU B 58 -12.26 12.59 16.71
N ASP B 59 -13.03 13.66 16.48
CA ASP B 59 -14.39 13.49 15.99
C ASP B 59 -14.42 12.64 14.72
N LEU B 60 -13.58 12.98 13.75
CA LEU B 60 -13.47 12.19 12.54
C LEU B 60 -13.06 10.76 12.83
N PHE B 61 -12.08 10.57 13.71
CA PHE B 61 -11.73 9.22 14.10
C PHE B 61 -12.93 8.52 14.75
N ASP B 62 -13.64 9.26 15.61
CA ASP B 62 -14.83 8.72 16.25
C ASP B 62 -15.89 8.35 15.21
N ALA B 63 -16.26 9.30 14.35
CA ALA B 63 -17.16 9.03 13.23
C ALA B 63 -16.74 7.79 12.43
N LEU B 64 -15.44 7.59 12.26
CA LEU B 64 -14.97 6.42 11.53
C LEU B 64 -15.21 5.15 12.33
N PHE B 65 -14.78 5.13 13.60
CA PHE B 65 -14.97 3.91 14.38
C PHE B 65 -16.43 3.47 14.36
N GLN B 66 -17.33 4.43 14.45
CA GLN B 66 -18.77 4.24 14.28
C GLN B 66 -19.10 3.48 13.01
N ARG B 67 -18.86 4.12 11.86
CA ARG B 67 -19.23 3.57 10.56
C ARG B 67 -18.73 2.14 10.35
N ILE B 68 -17.76 1.68 11.11
CA ILE B 68 -17.39 0.28 10.98
C ILE B 68 -18.35 -0.59 11.76
N CYS B 69 -18.66 -0.18 12.99
CA CYS B 69 -19.52 -0.99 13.84
C CYS B 69 -20.93 -1.10 13.26
N ASP B 70 -21.34 -0.09 12.50
CA ASP B 70 -22.63 -0.12 11.84
C ASP B 70 -22.67 -1.17 10.74
N ASP B 71 -21.60 -1.28 9.97
CA ASP B 71 -21.49 -2.34 8.97
C ASP B 71 -21.61 -3.70 9.62
N ILE B 72 -20.84 -3.92 10.68
CA ILE B 72 -20.79 -5.24 11.28
C ILE B 72 -22.16 -5.63 11.78
N GLU B 73 -22.80 -4.74 12.54
CA GLU B 73 -24.18 -4.98 12.96
C GLU B 73 -25.05 -5.30 11.75
N ASN B 74 -25.03 -4.41 10.76
CA ASN B 74 -25.85 -4.58 9.57
C ASN B 74 -25.24 -5.63 8.63
N CYS B 75 -24.84 -6.78 9.15
CA CYS B 75 -24.43 -7.91 8.32
C CYS B 75 -24.81 -9.22 9.02
N ILE B 76 -26.05 -9.27 9.49
CA ILE B 76 -26.53 -10.37 10.31
C ILE B 76 -27.99 -10.62 9.96
N GLY B 85 -28.97 -20.47 10.97
CA GLY B 85 -29.74 -21.52 11.62
C GLY B 85 -30.15 -21.23 13.05
N GLY B 86 -29.18 -21.33 13.97
CA GLY B 86 -29.36 -20.93 15.35
C GLY B 86 -29.00 -19.48 15.58
N SER B 87 -28.73 -19.13 16.84
CA SER B 87 -28.20 -17.81 17.14
C SER B 87 -26.70 -17.88 17.27
N TRP B 88 -26.24 -18.84 18.07
CA TRP B 88 -24.82 -19.16 18.17
C TRP B 88 -24.25 -19.48 16.80
N THR B 89 -24.95 -20.34 16.03
CA THR B 89 -24.45 -20.69 14.71
C THR B 89 -24.29 -19.45 13.84
N VAL B 90 -25.22 -18.50 13.97
CA VAL B 90 -25.08 -17.24 13.23
C VAL B 90 -23.84 -16.47 13.67
N PHE B 91 -23.44 -16.61 14.93
CA PHE B 91 -22.32 -15.82 15.44
C PHE B 91 -21.07 -16.02 14.63
N ARG B 92 -20.54 -17.25 14.66
CA ARG B 92 -19.49 -17.67 13.75
C ARG B 92 -19.66 -17.06 12.36
N HIS B 93 -20.85 -17.17 11.78
CA HIS B 93 -21.08 -16.64 10.44
C HIS B 93 -20.75 -15.17 10.38
N THR B 94 -21.07 -14.42 11.43
CA THR B 94 -20.66 -13.02 11.44
C THR B 94 -19.15 -12.91 11.61
N LEU B 95 -18.56 -13.78 12.45
CA LEU B 95 -17.12 -13.75 12.66
C LEU B 95 -16.36 -14.04 11.37
N LEU B 96 -16.88 -14.92 10.53
CA LEU B 96 -16.17 -15.19 9.28
C LEU B 96 -16.47 -14.10 8.25
N HIS B 97 -17.73 -13.69 8.14
CA HIS B 97 -18.03 -12.51 7.35
C HIS B 97 -17.10 -11.35 7.74
N PHE B 98 -16.80 -11.21 9.04
CA PHE B 98 -15.91 -10.13 9.47
C PHE B 98 -14.52 -10.27 8.87
N PHE B 99 -13.96 -11.47 8.88
CA PHE B 99 -12.56 -11.62 8.50
C PHE B 99 -12.34 -11.49 6.99
N GLU B 100 -13.34 -11.87 6.20
CA GLU B 100 -13.27 -11.66 4.76
C GLU B 100 -13.44 -10.19 4.42
N ARG B 101 -14.40 -9.53 5.07
CA ARG B 101 -14.60 -8.10 4.84
C ARG B 101 -13.30 -7.36 5.08
N LEU B 102 -12.51 -7.80 6.06
CA LEU B 102 -11.17 -7.28 6.29
C LEU B 102 -10.34 -7.30 5.02
N GLN B 103 -10.58 -8.25 4.14
CA GLN B 103 -9.76 -8.42 2.97
C GLN B 103 -10.34 -7.79 1.72
N SER B 104 -11.65 -7.89 1.53
CA SER B 104 -12.28 -7.45 0.29
C SER B 104 -12.95 -6.10 0.41
N ASN B 105 -13.35 -5.71 1.61
CA ASN B 105 -13.94 -4.41 1.81
C ASN B 105 -12.81 -3.42 1.99
N ASP B 106 -12.82 -2.36 1.20
CA ASP B 106 -11.68 -1.46 1.19
C ASP B 106 -11.48 -0.72 2.49
N ILE B 107 -12.55 -0.52 3.25
CA ILE B 107 -12.46 0.38 4.41
C ILE B 107 -12.17 -0.41 5.68
N HIS B 108 -12.89 -1.54 5.81
CA HIS B 108 -12.61 -2.47 6.89
C HIS B 108 -11.14 -2.80 6.90
N TYR B 109 -10.55 -2.90 5.71
CA TYR B 109 -9.11 -3.09 5.61
C TYR B 109 -8.38 -1.85 6.14
N LYS B 110 -8.58 -0.70 5.49
CA LYS B 110 -7.77 0.46 5.80
C LYS B 110 -7.94 0.88 7.25
N PHE B 111 -9.17 0.75 7.79
CA PHE B 111 -9.42 1.22 9.15
C PHE B 111 -8.67 0.38 10.17
N HIS B 112 -8.91 -0.93 10.16
CA HIS B 112 -8.23 -1.78 11.13
C HIS B 112 -6.72 -1.69 10.97
N ASN B 113 -6.26 -1.53 9.72
CA ASN B 113 -4.87 -1.21 9.48
C ASN B 113 -4.46 -0.04 10.36
N ILE B 114 -5.12 1.12 10.17
CA ILE B 114 -4.80 2.30 10.96
C ILE B 114 -4.99 2.03 12.44
N LEU B 115 -6.05 1.28 12.78
CA LEU B 115 -6.33 0.99 14.17
C LEU B 115 -5.19 0.18 14.78
N PHE B 116 -4.72 -0.84 14.08
CA PHE B 116 -3.68 -1.67 14.63
C PHE B 116 -2.26 -1.12 14.41
N LEU B 117 -1.98 -0.44 13.30
CA LEU B 117 -0.60 -0.12 12.93
C LEU B 117 -0.21 1.35 12.98
N LYS B 118 -1.15 2.30 13.03
CA LYS B 118 -0.81 3.72 12.89
C LYS B 118 -1.39 4.57 14.02
N CYS B 119 -1.61 3.94 15.18
CA CYS B 119 -2.24 4.57 16.31
C CYS B 119 -1.35 4.45 17.55
N GLU B 120 -0.14 4.99 17.46
CA GLU B 120 0.82 4.78 18.52
C GLU B 120 0.39 5.46 19.81
N HIS B 121 0.53 4.73 20.93
CA HIS B 121 0.20 5.22 22.25
C HIS B 121 1.15 6.31 22.76
N THR B 122 1.12 7.49 22.14
CA THR B 122 1.88 8.63 22.63
C THR B 122 0.91 9.65 23.21
N GLU B 123 1.45 10.78 23.66
CA GLU B 123 0.59 11.89 24.05
C GLU B 123 -0.09 12.49 22.82
N GLN B 124 0.69 12.79 21.77
CA GLN B 124 0.14 13.32 20.53
C GLN B 124 -1.04 12.51 19.99
N ASN B 125 -1.19 11.26 20.43
CA ASN B 125 -2.35 10.44 20.12
C ASN B 125 -3.16 10.12 21.38
N ALA B 126 -3.05 10.96 22.40
CA ALA B 126 -3.65 10.61 23.70
C ALA B 126 -5.18 10.60 23.62
N ALA B 127 -5.78 11.65 23.06
CA ALA B 127 -7.25 11.71 23.01
C ALA B 127 -7.84 10.66 22.08
N VAL B 128 -7.08 10.24 21.07
CA VAL B 128 -7.58 9.32 20.05
C VAL B 128 -7.71 7.90 20.61
N ILE B 129 -6.76 7.47 21.44
CA ILE B 129 -6.81 6.12 21.99
C ILE B 129 -7.96 5.97 22.97
N ALA B 130 -8.23 7.02 23.75
CA ALA B 130 -9.46 7.10 24.52
C ALA B 130 -10.67 6.72 23.67
N ILE B 131 -10.81 7.40 22.52
CA ILE B 131 -11.94 7.15 21.62
C ILE B 131 -12.02 5.68 21.27
N ALA B 132 -10.89 5.09 20.88
CA ALA B 132 -10.87 3.70 20.45
C ALA B 132 -11.12 2.74 21.62
N ARG B 133 -10.63 3.08 22.81
CA ARG B 133 -10.87 2.23 23.97
C ARG B 133 -12.36 2.10 24.27
N LYS B 134 -13.11 3.21 24.16
CA LYS B 134 -14.56 3.14 24.25
C LYS B 134 -15.16 2.08 23.33
N HIS B 135 -14.78 2.10 22.06
CA HIS B 135 -15.41 1.22 21.09
C HIS B 135 -15.08 -0.24 21.35
N GLN B 136 -13.81 -0.53 21.59
CA GLN B 136 -13.48 -1.93 21.86
C GLN B 136 -14.14 -2.42 23.15
N ALA B 137 -14.59 -1.51 24.01
CA ALA B 137 -15.28 -1.86 25.25
C ALA B 137 -16.76 -2.12 25.02
N ILE B 138 -17.39 -1.37 24.13
CA ILE B 138 -18.74 -1.71 23.68
C ILE B 138 -18.72 -3.04 22.94
N TRP B 139 -17.63 -3.34 22.22
CA TRP B 139 -17.45 -4.67 21.64
C TRP B 139 -17.43 -5.76 22.69
N ARG B 140 -16.84 -5.48 23.85
CA ARG B 140 -16.74 -6.50 24.88
C ARG B 140 -18.10 -6.73 25.52
N GLU B 141 -18.78 -5.66 25.90
CA GLU B 141 -20.16 -5.79 26.32
C GLU B 141 -20.97 -6.54 25.25
N LYS B 142 -20.71 -6.29 23.98
CA LYS B 142 -21.43 -7.02 22.94
C LYS B 142 -20.94 -8.47 22.79
N ILE B 143 -19.74 -8.80 23.26
CA ILE B 143 -19.30 -10.19 23.30
C ILE B 143 -19.98 -10.95 24.44
N THR B 144 -20.10 -10.32 25.61
CA THR B 144 -20.68 -10.98 26.78
C THR B 144 -22.12 -11.40 26.52
N ALA B 145 -22.90 -10.49 25.93
CA ALA B 145 -24.30 -10.76 25.65
C ALA B 145 -24.46 -11.97 24.72
N VAL B 146 -23.56 -12.08 23.75
CA VAL B 146 -23.59 -13.22 22.83
C VAL B 146 -23.40 -14.51 23.61
N LEU B 147 -22.30 -14.61 24.35
CA LEU B 147 -22.03 -15.82 25.11
C LEU B 147 -23.11 -16.06 26.13
N THR B 148 -23.67 -14.98 26.70
CA THR B 148 -24.81 -15.11 27.59
C THR B 148 -25.97 -15.85 26.92
N GLU B 149 -26.35 -15.43 25.69
CA GLU B 149 -27.37 -16.16 24.94
C GLU B 149 -27.01 -17.63 24.73
N ALA B 150 -25.78 -17.93 24.34
CA ALA B 150 -25.44 -19.30 23.99
C ALA B 150 -25.39 -20.24 25.20
N VAL B 151 -25.19 -19.72 26.40
CA VAL B 151 -25.26 -20.54 27.61
C VAL B 151 -26.69 -20.99 27.87
N GLU B 152 -27.64 -20.05 27.79
CA GLU B 152 -29.04 -20.39 28.01
C GLU B 152 -29.62 -21.21 26.87
N ASN B 153 -29.13 -21.01 25.64
CA ASN B 153 -29.64 -21.71 24.46
C ASN B 153 -29.14 -23.16 24.32
N GLN B 154 -28.37 -23.66 25.29
CA GLN B 154 -27.79 -25.00 25.38
C GLN B 154 -26.56 -25.15 24.50
N ASP B 155 -26.22 -24.16 23.67
CA ASP B 155 -25.08 -24.27 22.79
C ASP B 155 -23.80 -24.40 23.60
N LEU B 156 -23.68 -23.64 24.68
CA LEU B 156 -22.49 -23.64 25.49
C LEU B 156 -22.78 -24.27 26.84
N ALA B 157 -21.86 -24.10 27.77
CA ALA B 157 -21.88 -24.81 29.04
C ALA B 157 -22.53 -23.96 30.11
N ASP B 158 -23.41 -24.59 30.89
CA ASP B 158 -23.93 -24.00 32.12
C ASP B 158 -22.80 -23.37 32.93
N ASP B 159 -21.58 -23.90 32.82
CA ASP B 159 -20.45 -23.57 33.67
C ASP B 159 -19.45 -22.57 33.08
N LEU B 160 -19.70 -22.03 31.89
CA LEU B 160 -18.68 -21.26 31.18
C LEU B 160 -18.21 -20.06 31.98
N ASP B 161 -16.90 -19.96 32.14
CA ASP B 161 -16.34 -18.74 32.68
C ASP B 161 -16.47 -17.66 31.62
N LYS B 162 -16.99 -16.50 31.98
CA LYS B 162 -17.26 -15.51 30.94
C LYS B 162 -16.14 -14.47 30.83
N GLU B 163 -15.70 -13.91 31.96
CA GLU B 163 -14.65 -12.90 31.95
C GLU B 163 -13.44 -13.40 31.17
N THR B 164 -13.03 -14.64 31.47
CA THR B 164 -11.91 -15.26 30.78
C THR B 164 -12.25 -15.67 29.35
N ALA B 165 -13.53 -15.86 29.03
CA ALA B 165 -13.90 -16.10 27.63
C ALA B 165 -13.70 -14.85 26.79
N VAL B 166 -14.03 -13.66 27.32
CA VAL B 166 -13.82 -12.43 26.58
C VAL B 166 -12.35 -12.30 26.18
N ILE B 167 -11.46 -12.26 27.17
CA ILE B 167 -10.02 -12.21 26.87
C ILE B 167 -9.68 -13.23 25.80
N PHE B 168 -10.25 -14.43 25.89
CA PHE B 168 -9.86 -15.51 25.01
C PHE B 168 -10.14 -15.17 23.55
N ILE B 169 -11.32 -14.60 23.24
CA ILE B 169 -11.69 -14.36 21.85
C ILE B 169 -10.96 -13.13 21.31
N LYS B 170 -11.00 -12.05 22.07
CA LYS B 170 -10.23 -10.86 21.73
C LYS B 170 -8.73 -11.16 21.62
N SER B 171 -8.16 -11.84 22.63
CA SER B 171 -6.78 -12.30 22.48
C SER B 171 -6.59 -13.11 21.22
N THR B 172 -7.44 -14.11 20.99
CA THR B 172 -7.26 -14.99 19.85
C THR B 172 -7.45 -14.25 18.52
N LEU B 173 -8.50 -13.41 18.42
CA LEU B 173 -8.91 -12.86 17.13
C LEU B 173 -8.19 -11.56 16.79
N ASP B 174 -8.11 -10.62 17.73
CA ASP B 174 -7.20 -9.48 17.55
C ASP B 174 -5.80 -9.95 17.20
N GLY B 175 -5.32 -11.00 17.88
CA GLY B 175 -3.97 -11.45 17.70
C GLY B 175 -3.72 -12.01 16.32
N LEU B 176 -4.73 -12.64 15.72
CA LEU B 176 -4.62 -12.99 14.31
C LEU B 176 -4.52 -11.74 13.47
N ILE B 177 -5.30 -10.71 13.79
CA ILE B 177 -5.29 -9.49 12.99
C ILE B 177 -3.92 -8.84 13.07
N TRP B 178 -3.47 -8.50 14.29
CA TRP B 178 -2.15 -7.85 14.48
C TRP B 178 -1.02 -8.64 13.81
N ARG B 179 -0.99 -9.95 14.04
CA ARG B 179 0.01 -10.80 13.41
C ARG B 179 0.04 -10.56 11.90
N TRP B 180 -1.13 -10.45 11.27
CA TRP B 180 -1.22 -10.27 9.82
C TRP B 180 -0.84 -8.87 9.37
N PHE B 181 -1.18 -7.85 10.15
CA PHE B 181 -0.85 -6.52 9.70
C PHE B 181 0.61 -6.19 9.99
N SER B 182 1.10 -6.59 11.15
CA SER B 182 2.51 -6.36 11.47
C SER B 182 3.44 -7.32 10.73
N SER B 183 2.92 -8.30 9.99
CA SER B 183 3.73 -9.15 9.12
C SER B 183 3.50 -8.85 7.65
N GLY B 184 2.95 -7.68 7.31
CA GLY B 184 2.79 -7.26 5.93
C GLY B 184 1.99 -8.20 5.05
N GLU B 185 0.88 -8.72 5.58
CA GLU B 185 0.01 -9.71 4.92
C GLU B 185 0.77 -10.95 4.45
N SER B 186 1.62 -11.49 5.32
CA SER B 186 2.58 -12.54 4.94
C SER B 186 1.96 -13.92 4.82
N PHE B 187 0.71 -14.12 5.27
CA PHE B 187 0.04 -15.39 5.06
C PHE B 187 -1.32 -15.15 4.41
N ASP B 188 -1.97 -16.26 4.06
CA ASP B 188 -3.21 -16.24 3.28
C ASP B 188 -4.36 -16.21 4.26
N LEU B 189 -4.81 -14.98 4.59
CA LEU B 189 -5.73 -14.78 5.72
C LEU B 189 -7.02 -15.55 5.55
N GLY B 190 -7.55 -15.59 4.34
CA GLY B 190 -8.81 -16.26 4.12
C GLY B 190 -8.75 -17.74 4.41
N LYS B 191 -7.59 -18.38 4.17
CA LYS B 191 -7.45 -19.80 4.47
C LYS B 191 -7.27 -20.04 5.96
N THR B 192 -6.46 -19.19 6.61
CA THR B 192 -6.08 -19.36 8.00
C THR B 192 -7.25 -19.00 8.95
N ALA B 193 -7.84 -17.81 8.76
CA ALA B 193 -8.84 -17.27 9.69
C ALA B 193 -9.97 -18.25 10.05
N PRO B 194 -10.64 -18.91 9.11
CA PRO B 194 -11.65 -19.89 9.53
C PRO B 194 -11.10 -20.98 10.42
N ARG B 195 -9.87 -21.42 10.17
CA ARG B 195 -9.29 -22.51 10.97
C ARG B 195 -9.06 -22.06 12.40
N ILE B 196 -8.43 -20.90 12.58
CA ILE B 196 -8.23 -20.34 13.92
C ILE B 196 -9.57 -20.12 14.60
N ILE B 197 -10.58 -19.67 13.85
CA ILE B 197 -11.89 -19.48 14.45
C ILE B 197 -12.53 -20.82 14.77
N GLY B 198 -12.43 -21.79 13.85
CA GLY B 198 -12.92 -23.13 14.15
C GLY B 198 -12.34 -23.67 15.43
N ILE B 199 -11.01 -23.54 15.58
CA ILE B 199 -10.33 -24.02 16.78
C ILE B 199 -10.73 -23.22 18.01
N MET B 200 -10.99 -21.92 17.84
CA MET B 200 -11.50 -21.12 18.95
C MET B 200 -12.91 -21.54 19.34
N MET B 201 -13.74 -21.85 18.36
CA MET B 201 -15.09 -22.29 18.69
C MET B 201 -15.04 -23.62 19.40
N ASP B 202 -14.40 -24.62 18.79
CA ASP B 202 -14.19 -25.89 19.46
C ASP B 202 -13.74 -25.71 20.90
N ASN B 203 -12.96 -24.66 21.17
CA ASN B 203 -12.43 -24.42 22.52
C ASN B 203 -13.48 -23.83 23.44
N LEU B 204 -14.24 -22.83 22.96
CA LEU B 204 -15.28 -22.22 23.80
C LEU B 204 -16.28 -23.25 24.26
N GLU B 205 -16.71 -24.10 23.33
CA GLU B 205 -17.56 -25.23 23.69
C GLU B 205 -16.89 -26.14 24.72
N ASN B 206 -15.81 -26.84 24.37
CA ASN B 206 -15.38 -28.00 25.15
C ASN B 206 -14.32 -27.72 26.21
N HIS B 207 -13.24 -27.03 25.85
CA HIS B 207 -12.08 -26.95 26.75
C HIS B 207 -12.47 -26.40 28.11
N PRO B 208 -11.80 -26.87 29.17
CA PRO B 208 -12.18 -26.45 30.54
C PRO B 208 -11.29 -25.40 31.19
N CYS B 209 -10.19 -24.95 30.58
CA CYS B 209 -9.57 -23.75 31.13
C CYS B 209 -10.49 -22.54 31.02
N LEU B 210 -11.67 -22.74 30.42
CA LEU B 210 -12.71 -21.73 30.24
C LEU B 210 -13.89 -21.93 31.19
N ARG B 211 -13.74 -22.73 32.23
CA ARG B 211 -14.83 -23.05 33.13
C ARG B 211 -14.56 -22.48 34.52
N ARG B 212 -15.63 -22.03 35.16
CA ARG B 212 -15.52 -21.29 36.40
C ARG B 212 -15.25 -22.24 37.57
N LEU C 12 24.17 34.48 -11.36
CA LEU C 12 23.73 33.26 -12.05
C LEU C 12 22.83 32.37 -11.18
N LYS C 13 22.73 32.70 -9.88
CA LYS C 13 21.55 32.32 -9.10
C LYS C 13 20.35 33.14 -9.51
N THR C 14 20.63 34.27 -10.16
CA THR C 14 19.70 35.11 -10.89
C THR C 14 18.71 34.27 -11.68
N LYS C 15 19.21 33.19 -12.30
CA LYS C 15 18.37 32.32 -13.12
C LYS C 15 17.63 31.31 -12.29
N GLU C 16 18.36 30.42 -11.58
CA GLU C 16 17.76 29.28 -10.88
C GLU C 16 16.54 29.67 -10.04
N HIS C 17 16.58 30.89 -9.48
CA HIS C 17 15.42 31.41 -8.77
C HIS C 17 14.20 31.49 -9.68
N LEU C 18 14.41 31.86 -10.95
CA LEU C 18 13.32 31.82 -11.92
C LEU C 18 12.91 30.39 -12.23
N MET C 19 13.87 29.48 -12.37
CA MET C 19 13.54 28.13 -12.77
C MET C 19 12.68 27.42 -11.74
N LEU C 20 12.76 27.83 -10.47
CA LEU C 20 11.88 27.28 -9.45
C LEU C 20 10.49 27.90 -9.52
N ALA C 21 10.41 29.23 -9.53
CA ALA C 21 9.12 29.86 -9.78
C ALA C 21 8.41 29.16 -10.93
N ALA C 22 9.10 28.99 -12.06
CA ALA C 22 8.51 28.25 -13.17
C ALA C 22 8.12 26.83 -12.73
N LEU C 23 8.98 26.14 -11.96
CA LEU C 23 8.67 24.79 -11.49
C LEU C 23 7.40 24.75 -10.65
N GLU C 24 7.28 25.69 -9.71
CA GLU C 24 6.08 25.85 -8.88
C GLU C 24 4.83 26.02 -9.73
N THR C 25 4.76 27.15 -10.43
CA THR C 25 3.53 27.50 -11.14
C THR C 25 3.09 26.40 -12.10
N PHE C 26 4.04 25.66 -12.68
CA PHE C 26 3.68 24.53 -13.53
C PHE C 26 2.95 23.47 -12.72
N TYR C 27 3.48 23.16 -11.53
CA TYR C 27 2.85 22.19 -10.64
C TYR C 27 1.45 22.63 -10.25
N ARG C 28 1.27 23.92 -9.97
CA ARG C 28 -0.02 24.48 -9.60
C ARG C 28 -0.98 24.52 -10.80
N LYS C 29 -0.79 25.45 -11.72
CA LYS C 29 -1.80 25.69 -12.72
C LYS C 29 -1.72 24.75 -13.91
N GLY C 30 -0.70 23.89 -13.97
CA GLY C 30 -0.47 23.14 -15.19
C GLY C 30 0.20 24.03 -16.22
N ILE C 31 0.74 23.47 -17.30
CA ILE C 31 1.60 24.26 -18.18
C ILE C 31 0.79 25.21 -19.06
N ALA C 32 -0.16 24.67 -19.84
CA ALA C 32 -0.86 25.50 -20.82
C ALA C 32 -1.50 26.72 -20.16
N ARG C 33 -1.99 26.57 -18.93
CA ARG C 33 -2.61 27.66 -18.19
C ARG C 33 -1.60 28.46 -17.37
N THR C 34 -0.35 28.50 -17.79
CA THR C 34 0.71 29.21 -17.07
C THR C 34 1.37 30.19 -18.03
N SER C 35 1.62 31.41 -17.55
CA SER C 35 2.06 32.52 -18.39
C SER C 35 3.28 33.17 -17.77
N LEU C 36 4.18 33.67 -18.63
CA LEU C 36 5.44 34.23 -18.14
C LEU C 36 5.19 35.34 -17.13
N ASN C 37 4.09 36.08 -17.26
CA ASN C 37 3.74 37.07 -16.26
C ASN C 37 3.67 36.45 -14.87
N GLU C 38 2.91 35.37 -14.74
CA GLU C 38 2.81 34.72 -13.43
C GLU C 38 4.17 34.26 -12.95
N ILE C 39 4.91 33.56 -13.82
CA ILE C 39 6.25 33.07 -13.49
C ILE C 39 7.13 34.22 -13.06
N ALA C 40 7.07 35.35 -13.78
CA ALA C 40 7.80 36.53 -13.36
C ALA C 40 7.25 37.06 -12.05
N GLN C 41 5.92 37.22 -11.94
CA GLN C 41 5.31 37.66 -10.69
C GLN C 41 5.77 36.77 -9.54
N ALA C 42 5.63 35.44 -9.71
CA ALA C 42 5.97 34.46 -8.69
C ALA C 42 7.39 34.59 -8.16
N ALA C 43 8.28 35.22 -8.91
CA ALA C 43 9.71 35.22 -8.58
C ALA C 43 10.22 36.57 -8.11
N GLY C 44 9.37 37.59 -8.06
CA GLY C 44 9.84 38.92 -7.73
C GLY C 44 10.78 39.50 -8.76
N VAL C 45 10.46 39.35 -10.04
CA VAL C 45 11.19 39.99 -11.14
C VAL C 45 10.17 40.57 -12.12
N THR C 46 10.61 41.57 -12.85
CA THR C 46 9.71 42.25 -13.76
C THR C 46 9.54 41.42 -15.04
N ARG C 47 8.46 41.72 -15.75
CA ARG C 47 8.09 41.16 -17.06
C ARG C 47 9.32 40.77 -17.88
N GLY C 48 10.08 41.79 -18.29
CA GLY C 48 11.21 41.62 -19.19
C GLY C 48 12.52 41.31 -18.51
N ALA C 49 12.61 41.52 -17.19
CA ALA C 49 13.70 40.97 -16.40
C ALA C 49 13.79 39.46 -16.63
N LEU C 50 12.66 38.77 -16.50
CA LEU C 50 12.63 37.35 -16.83
C LEU C 50 12.89 37.11 -18.32
N TYR C 51 12.70 38.13 -19.17
CA TYR C 51 12.82 37.89 -20.60
C TYR C 51 14.27 37.75 -21.02
N TRP C 52 15.16 38.56 -20.44
CA TRP C 52 16.59 38.39 -20.64
C TRP C 52 16.95 36.92 -20.52
N HIS C 53 16.62 36.34 -19.36
CA HIS C 53 17.03 34.97 -19.08
C HIS C 53 16.32 33.97 -19.99
N PHE C 54 14.99 34.07 -20.10
CA PHE C 54 14.25 33.04 -20.80
C PHE C 54 13.35 33.62 -21.87
N LYS C 55 13.45 33.01 -23.05
CA LYS C 55 12.67 33.46 -24.19
C LYS C 55 11.16 33.30 -23.95
N ASN C 56 10.73 32.15 -23.46
CA ASN C 56 9.31 31.80 -23.47
C ASN C 56 9.05 30.80 -22.34
N LYS C 57 7.82 30.27 -22.26
CA LYS C 57 7.61 29.06 -21.43
C LYS C 57 8.63 28.00 -21.78
N GLU C 58 8.85 27.83 -23.09
CA GLU C 58 9.45 26.63 -23.62
C GLU C 58 10.87 26.45 -23.08
N ASP C 59 11.67 27.53 -23.08
CA ASP C 59 13.04 27.38 -22.57
C ASP C 59 13.06 27.05 -21.09
N LEU C 60 12.11 27.59 -20.31
CA LEU C 60 12.03 27.25 -18.89
C LEU C 60 11.74 25.78 -18.68
N PHE C 61 10.90 25.20 -19.53
CA PHE C 61 10.64 23.78 -19.43
C PHE C 61 11.83 22.97 -19.94
N ASP C 62 12.42 23.41 -21.06
CA ASP C 62 13.71 22.91 -21.54
C ASP C 62 14.76 22.89 -20.43
N ALA C 63 15.08 24.09 -19.93
CA ALA C 63 16.00 24.23 -18.82
C ALA C 63 15.68 23.28 -17.67
N LEU C 64 14.42 23.23 -17.24
CA LEU C 64 14.08 22.38 -16.09
C LEU C 64 14.31 20.90 -16.40
N PHE C 65 13.87 20.44 -17.57
CA PHE C 65 14.12 19.06 -17.94
C PHE C 65 15.59 18.72 -17.85
N GLN C 66 16.46 19.62 -18.34
CA GLN C 66 17.91 19.48 -18.30
C GLN C 66 18.43 19.29 -16.88
N ARG C 67 18.27 20.34 -16.04
CA ARG C 67 18.69 20.30 -14.64
C ARG C 67 18.10 19.11 -13.90
N ILE C 68 17.22 18.37 -14.56
CA ILE C 68 16.72 17.09 -14.05
C ILE C 68 17.56 15.93 -14.59
N CYS C 69 17.79 15.90 -15.91
CA CYS C 69 18.76 14.96 -16.46
C CYS C 69 20.15 15.20 -15.88
N ASP C 70 20.47 16.45 -15.51
CA ASP C 70 21.77 16.76 -14.92
C ASP C 70 21.95 16.10 -13.55
N ASP C 71 20.89 16.03 -12.75
CA ASP C 71 20.93 15.50 -11.40
C ASP C 71 21.00 13.99 -11.32
N ILE C 72 20.76 13.31 -12.43
CA ILE C 72 20.85 11.86 -12.46
C ILE C 72 22.19 11.39 -13.02
N GLU C 73 22.69 12.08 -14.06
CA GLU C 73 24.05 11.87 -14.52
C GLU C 73 25.02 12.04 -13.35
N ASN C 74 24.89 13.16 -12.63
CA ASN C 74 25.75 13.47 -11.50
C ASN C 74 25.53 12.54 -10.31
N CYS C 75 25.22 11.27 -10.57
CA CYS C 75 25.11 10.22 -9.55
C CYS C 75 26.00 9.01 -9.79
N ILE C 76 26.56 8.87 -10.99
CA ILE C 76 27.43 7.76 -11.34
C ILE C 76 28.49 7.56 -10.25
N ALA C 77 28.22 6.66 -9.31
CA ALA C 77 29.12 6.43 -8.20
C ALA C 77 29.67 5.00 -8.23
N GLY C 85 29.60 -5.08 -7.76
CA GLY C 85 30.35 -4.30 -8.75
C GLY C 85 30.05 -4.67 -10.20
N GLY C 86 29.91 -3.66 -11.06
CA GLY C 86 29.60 -3.86 -12.45
C GLY C 86 28.58 -2.89 -13.03
N SER C 87 28.69 -2.61 -14.33
CA SER C 87 27.88 -1.57 -14.97
C SER C 87 26.40 -1.95 -15.04
N TRP C 88 26.10 -3.23 -15.35
CA TRP C 88 24.71 -3.70 -15.21
C TRP C 88 24.23 -3.53 -13.78
N THR C 89 25.07 -3.90 -12.81
CA THR C 89 24.77 -3.66 -11.40
C THR C 89 24.62 -2.16 -11.13
N VAL C 90 25.43 -1.31 -11.79
CA VAL C 90 25.28 0.14 -11.66
C VAL C 90 23.86 0.57 -11.98
N PHE C 91 23.35 0.13 -13.15
CA PHE C 91 21.98 0.39 -13.56
C PHE C 91 20.98 0.05 -12.46
N ARG C 92 21.02 -1.20 -11.96
CA ARG C 92 20.19 -1.61 -10.82
C ARG C 92 20.13 -0.55 -9.75
N HIS C 93 21.31 -0.13 -9.25
CA HIS C 93 21.32 0.88 -8.20
C HIS C 93 20.84 2.23 -8.73
N THR C 94 21.18 2.56 -9.98
CA THR C 94 20.80 3.87 -10.53
C THR C 94 19.30 3.98 -10.70
N LEU C 95 18.64 2.88 -11.11
CA LEU C 95 17.18 2.86 -11.18
C LEU C 95 16.56 3.08 -9.80
N LEU C 96 16.86 2.18 -8.86
CA LEU C 96 16.27 2.27 -7.52
C LEU C 96 16.50 3.65 -6.89
N HIS C 97 17.68 4.24 -7.11
CA HIS C 97 17.97 5.60 -6.64
C HIS C 97 17.04 6.62 -7.28
N PHE C 98 16.59 6.36 -8.50
CA PHE C 98 15.69 7.28 -9.18
C PHE C 98 14.32 7.26 -8.53
N PHE C 99 13.74 6.06 -8.40
CA PHE C 99 12.41 5.92 -7.81
C PHE C 99 12.41 6.37 -6.36
N GLU C 100 13.55 6.22 -5.68
CA GLU C 100 13.68 6.72 -4.32
C GLU C 100 13.75 8.23 -4.29
N ARG C 101 14.50 8.85 -5.22
CA ARG C 101 14.48 10.31 -5.32
C ARG C 101 13.09 10.85 -5.65
N LEU C 102 12.26 10.07 -6.35
CA LEU C 102 10.90 10.52 -6.62
C LEU C 102 10.06 10.69 -5.35
N GLN C 103 10.55 10.24 -4.20
CA GLN C 103 9.82 10.38 -2.95
C GLN C 103 10.73 10.95 -1.89
N SER C 104 11.44 12.01 -2.24
CA SER C 104 12.11 12.83 -1.24
C SER C 104 12.41 14.17 -1.89
N ASN C 105 13.12 14.09 -3.01
CA ASN C 105 13.45 15.27 -3.79
C ASN C 105 12.16 15.94 -4.24
N ASP C 106 11.90 17.14 -3.70
CA ASP C 106 10.71 17.90 -4.07
C ASP C 106 10.72 18.28 -5.54
N ILE C 107 11.91 18.55 -6.09
CA ILE C 107 12.07 18.98 -7.47
C ILE C 107 11.83 17.83 -8.44
N HIS C 108 12.50 16.71 -8.22
CA HIS C 108 12.27 15.55 -9.08
C HIS C 108 10.82 15.10 -9.01
N TYR C 109 10.25 15.09 -7.80
CA TYR C 109 8.82 14.77 -7.64
C TYR C 109 7.96 15.77 -8.41
N LYS C 110 8.11 17.06 -8.10
CA LYS C 110 7.27 18.06 -8.74
C LYS C 110 7.41 18.01 -10.26
N PHE C 111 8.63 17.82 -10.77
CA PHE C 111 8.84 17.84 -12.22
C PHE C 111 8.22 16.61 -12.90
N HIS C 112 8.53 15.42 -12.41
CA HIS C 112 7.92 14.25 -13.00
C HIS C 112 6.42 14.25 -12.82
N ASN C 113 5.93 14.99 -11.84
CA ASN C 113 4.50 15.07 -11.70
C ASN C 113 3.90 15.89 -12.83
N ILE C 114 4.42 17.11 -13.06
CA ILE C 114 4.04 17.90 -14.23
C ILE C 114 4.16 17.07 -15.50
N LEU C 115 5.34 16.47 -15.72
CA LEU C 115 5.58 15.74 -16.97
C LEU C 115 4.52 14.69 -17.25
N PHE C 116 3.96 14.09 -16.20
CA PHE C 116 3.01 13.01 -16.33
C PHE C 116 1.56 13.44 -16.13
N LEU C 117 1.31 14.55 -15.42
CA LEU C 117 -0.06 14.93 -15.09
C LEU C 117 -0.49 16.33 -15.55
N LYS C 118 0.44 17.24 -15.86
CA LYS C 118 0.05 18.62 -16.14
C LYS C 118 0.63 19.11 -17.45
N CYS C 119 0.88 18.19 -18.39
CA CYS C 119 1.39 18.49 -19.72
C CYS C 119 0.45 17.93 -20.80
N GLU C 120 -0.67 18.62 -21.05
CA GLU C 120 -1.65 18.03 -21.94
C GLU C 120 -1.29 18.24 -23.41
N HIS C 121 -1.23 17.14 -24.16
CA HIS C 121 -0.92 17.11 -25.59
C HIS C 121 -1.90 17.90 -26.46
N THR C 122 -2.02 19.21 -26.22
CA THR C 122 -2.89 20.07 -27.01
C THR C 122 -2.04 20.92 -27.96
N GLU C 123 -2.70 21.84 -28.67
CA GLU C 123 -1.98 22.72 -29.59
C GLU C 123 -1.26 23.82 -28.84
N GLN C 124 -1.83 24.31 -27.74
CA GLN C 124 -1.13 25.30 -26.93
C GLN C 124 0.13 24.74 -26.28
N ASN C 125 0.40 23.46 -26.41
CA ASN C 125 1.55 22.87 -25.77
C ASN C 125 2.47 22.15 -26.74
N ALA C 126 2.09 22.04 -28.01
CA ALA C 126 2.86 21.23 -28.96
C ALA C 126 4.33 21.60 -29.00
N ALA C 127 4.69 22.82 -28.54
CA ALA C 127 6.08 23.27 -28.41
C ALA C 127 6.77 22.68 -27.19
N VAL C 128 6.04 22.45 -26.09
CA VAL C 128 6.64 21.80 -24.93
C VAL C 128 6.60 20.28 -25.06
N ILE C 129 5.69 19.73 -25.87
CA ILE C 129 5.76 18.30 -26.14
C ILE C 129 6.96 17.99 -27.01
N ALA C 130 7.23 18.83 -28.01
CA ALA C 130 8.44 18.65 -28.81
C ALA C 130 9.69 18.76 -27.94
N ILE C 131 9.80 19.84 -27.16
CA ILE C 131 10.98 20.13 -26.35
C ILE C 131 11.08 19.14 -25.19
N ALA C 132 10.14 18.20 -25.09
CA ALA C 132 10.26 17.10 -24.15
C ALA C 132 10.40 15.75 -24.83
N ARG C 133 10.02 15.62 -26.10
CA ARG C 133 10.37 14.42 -26.83
C ARG C 133 11.86 14.33 -27.07
N LYS C 134 12.55 15.48 -27.05
CA LYS C 134 13.99 15.49 -27.25
C LYS C 134 14.70 14.96 -26.03
N HIS C 135 14.23 15.31 -24.84
CA HIS C 135 14.81 14.70 -23.64
C HIS C 135 14.38 13.25 -23.50
N GLN C 136 13.19 12.91 -24.00
CA GLN C 136 12.79 11.50 -24.11
C GLN C 136 13.84 10.66 -24.82
N ALA C 137 14.44 11.19 -25.88
CA ALA C 137 15.38 10.41 -26.68
C ALA C 137 16.81 10.50 -26.19
N ILE C 138 17.16 11.54 -25.42
CA ILE C 138 18.40 11.51 -24.65
C ILE C 138 18.41 10.30 -23.71
N TRP C 139 17.32 10.14 -22.92
CA TRP C 139 17.09 8.92 -22.16
C TRP C 139 17.14 7.67 -23.05
N ARG C 140 16.31 7.66 -24.08
CA ARG C 140 16.09 6.43 -24.85
C ARG C 140 17.36 6.05 -25.59
N GLU C 141 18.18 7.04 -25.94
CA GLU C 141 19.56 6.77 -26.35
C GLU C 141 20.36 6.25 -25.16
N LYS C 142 20.55 7.10 -24.15
CA LYS C 142 21.36 6.75 -22.99
C LYS C 142 20.97 5.40 -22.37
N ILE C 143 19.75 4.89 -22.62
CA ILE C 143 19.39 3.54 -22.16
C ILE C 143 20.07 2.49 -23.03
N THR C 144 19.97 2.64 -24.35
CA THR C 144 20.58 1.68 -25.26
C THR C 144 22.09 1.63 -25.10
N ALA C 145 22.70 2.76 -24.71
CA ALA C 145 24.09 2.75 -24.28
C ALA C 145 24.32 1.71 -23.20
N VAL C 146 23.45 1.70 -22.17
CA VAL C 146 23.63 0.83 -21.01
C VAL C 146 23.52 -0.64 -21.44
N LEU C 147 22.61 -0.92 -22.36
CA LEU C 147 22.44 -2.30 -22.81
C LEU C 147 23.69 -2.80 -23.53
N THR C 148 24.31 -1.96 -24.37
CA THR C 148 25.37 -2.44 -25.25
C THR C 148 26.62 -2.81 -24.45
N GLU C 149 26.95 -2.06 -23.41
CA GLU C 149 28.01 -2.48 -22.49
C GLU C 149 27.66 -3.81 -21.83
N ALA C 150 26.40 -3.96 -21.42
CA ALA C 150 25.95 -5.12 -20.67
C ALA C 150 25.82 -6.36 -21.52
N VAL C 151 26.00 -6.26 -22.83
CA VAL C 151 26.19 -7.42 -23.68
C VAL C 151 27.67 -7.69 -23.94
N GLU C 152 28.43 -6.63 -24.23
CA GLU C 152 29.88 -6.73 -24.30
C GLU C 152 30.44 -7.43 -23.07
N ASN C 153 29.95 -7.10 -21.89
CA ASN C 153 30.33 -7.84 -20.69
C ASN C 153 29.37 -8.99 -20.41
N GLN C 154 28.76 -9.57 -21.44
CA GLN C 154 28.17 -10.91 -21.35
C GLN C 154 27.13 -11.03 -20.23
N ASP C 155 26.58 -9.91 -19.74
CA ASP C 155 25.46 -9.95 -18.80
C ASP C 155 24.15 -10.27 -19.49
N LEU C 156 23.94 -9.70 -20.66
CA LEU C 156 22.78 -9.95 -21.47
C LEU C 156 23.22 -10.68 -22.73
N ALA C 157 22.35 -11.53 -23.25
CA ALA C 157 22.74 -12.38 -24.37
C ALA C 157 23.17 -11.56 -25.59
N ASP C 158 24.08 -12.14 -26.36
CA ASP C 158 24.69 -11.46 -27.48
C ASP C 158 23.68 -11.21 -28.61
N ASP C 159 22.41 -11.57 -28.41
CA ASP C 159 21.38 -11.27 -29.42
C ASP C 159 20.11 -10.71 -28.79
N LEU C 160 20.24 -10.03 -27.66
CA LEU C 160 19.14 -9.24 -27.13
C LEU C 160 18.62 -8.25 -28.17
N ASP C 161 17.34 -8.38 -28.49
CA ASP C 161 16.65 -7.42 -29.34
C ASP C 161 16.66 -6.06 -28.66
N LYS C 162 17.65 -5.22 -29.01
CA LYS C 162 17.90 -4.00 -28.23
C LYS C 162 16.79 -2.95 -28.41
N GLU C 163 15.99 -3.03 -29.46
CA GLU C 163 14.95 -2.03 -29.67
C GLU C 163 13.72 -2.35 -28.85
N THR C 164 13.29 -3.62 -28.87
CA THR C 164 12.30 -4.09 -27.90
C THR C 164 12.68 -3.60 -26.51
N ALA C 165 13.83 -4.06 -26.01
CA ALA C 165 14.33 -3.71 -24.68
C ALA C 165 14.11 -2.25 -24.32
N VAL C 166 14.48 -1.31 -25.20
CA VAL C 166 14.40 0.07 -24.76
C VAL C 166 12.94 0.45 -24.59
N ILE C 167 12.04 -0.16 -25.37
CA ILE C 167 10.61 0.06 -25.19
C ILE C 167 10.14 -0.57 -23.88
N PHE C 168 10.21 -1.90 -23.80
CA PHE C 168 9.94 -2.62 -22.56
C PHE C 168 10.45 -1.88 -21.35
N ILE C 169 11.73 -1.53 -21.34
CA ILE C 169 12.29 -0.89 -20.16
C ILE C 169 11.56 0.39 -19.85
N LYS C 170 11.42 1.27 -20.84
CA LYS C 170 10.76 2.54 -20.56
C LYS C 170 9.27 2.34 -20.33
N SER C 171 8.67 1.43 -21.09
CA SER C 171 7.27 1.07 -20.90
C SER C 171 6.98 0.60 -19.46
N THR C 172 7.68 -0.46 -19.01
CA THR C 172 7.57 -0.93 -17.62
C THR C 172 7.68 0.21 -16.62
N LEU C 173 8.83 0.89 -16.62
CA LEU C 173 9.08 1.89 -15.59
C LEU C 173 8.12 3.08 -15.73
N ASP C 174 8.09 3.73 -16.91
CA ASP C 174 7.16 4.85 -17.09
C ASP C 174 5.78 4.49 -16.59
N GLY C 175 5.33 3.27 -16.88
CA GLY C 175 4.00 2.83 -16.48
C GLY C 175 3.81 2.73 -14.99
N LEU C 176 4.86 2.32 -14.26
CA LEU C 176 4.85 2.44 -12.81
C LEU C 176 4.55 3.87 -12.38
N ILE C 177 5.23 4.83 -13.01
CA ILE C 177 5.13 6.24 -12.62
C ILE C 177 3.76 6.82 -12.97
N TRP C 178 3.21 6.43 -14.13
CA TRP C 178 1.90 6.94 -14.53
C TRP C 178 0.84 6.46 -13.56
N ARG C 179 0.85 5.16 -13.29
CA ARG C 179 -0.13 4.56 -12.40
C ARG C 179 0.03 5.07 -10.97
N TRP C 180 1.26 5.31 -10.52
CA TRP C 180 1.46 5.93 -9.21
C TRP C 180 0.85 7.32 -9.14
N PHE C 181 1.26 8.21 -10.05
CA PHE C 181 0.80 9.60 -10.01
C PHE C 181 -0.70 9.70 -10.26
N SER C 182 -1.19 9.08 -11.33
CA SER C 182 -2.57 9.36 -11.75
C SER C 182 -3.59 8.66 -10.86
N SER C 183 -3.25 7.50 -10.35
CA SER C 183 -4.07 6.99 -9.26
C SER C 183 -4.01 7.84 -8.03
N GLY C 184 -3.38 9.00 -7.95
CA GLY C 184 -3.30 9.74 -6.72
C GLY C 184 -2.32 9.19 -5.70
N GLU C 185 -1.47 8.23 -6.11
CA GLU C 185 -0.39 7.65 -5.31
C GLU C 185 -0.94 6.64 -4.32
N SER C 186 -1.89 5.83 -4.78
CA SER C 186 -2.54 4.86 -3.92
C SER C 186 -1.76 3.56 -3.86
N PHE C 187 -0.44 3.64 -3.63
CA PHE C 187 0.38 2.50 -3.24
C PHE C 187 1.79 2.97 -2.91
N ASP C 188 2.40 2.27 -1.94
CA ASP C 188 3.79 2.52 -1.54
C ASP C 188 4.73 2.33 -2.71
N LEU C 189 5.17 3.43 -3.32
CA LEU C 189 6.14 3.32 -4.40
C LEU C 189 7.45 2.74 -3.91
N GLY C 190 7.82 3.01 -2.64
CA GLY C 190 9.08 2.53 -2.11
C GLY C 190 9.11 1.01 -1.97
N LYS C 191 8.02 0.43 -1.48
CA LYS C 191 7.86 -1.01 -1.53
C LYS C 191 7.85 -1.51 -2.98
N THR C 192 7.00 -0.91 -3.82
CA THR C 192 6.61 -1.55 -5.07
C THR C 192 7.73 -1.55 -6.10
N ALA C 193 8.34 -0.38 -6.34
CA ALA C 193 9.33 -0.23 -7.41
C ALA C 193 10.39 -1.32 -7.36
N PRO C 194 11.18 -1.49 -6.23
CA PRO C 194 12.20 -2.54 -6.19
C PRO C 194 11.78 -3.83 -6.85
N ARG C 195 10.59 -4.31 -6.54
CA ARG C 195 10.17 -5.57 -7.11
C ARG C 195 10.06 -5.48 -8.62
N ILE C 196 9.49 -4.38 -9.14
CA ILE C 196 9.28 -4.26 -10.58
C ILE C 196 10.62 -4.19 -11.32
N ILE C 197 11.50 -3.31 -10.90
CA ILE C 197 12.86 -3.31 -11.40
C ILE C 197 13.38 -4.74 -11.48
N GLY C 198 13.37 -5.42 -10.34
CA GLY C 198 13.78 -6.80 -10.22
C GLY C 198 13.27 -7.67 -11.35
N ILE C 199 11.96 -7.74 -11.50
CA ILE C 199 11.38 -8.51 -12.60
C ILE C 199 12.01 -8.10 -13.92
N MET C 200 12.15 -6.79 -14.13
CA MET C 200 12.44 -6.29 -15.46
C MET C 200 13.86 -6.65 -15.86
N MET C 201 14.83 -6.38 -14.97
CA MET C 201 16.21 -6.83 -15.16
C MET C 201 16.25 -8.31 -15.46
N ASP C 202 15.54 -9.10 -14.65
CA ASP C 202 15.59 -10.54 -14.85
C ASP C 202 15.03 -10.91 -16.21
N ASN C 203 13.92 -10.29 -16.58
CA ASN C 203 13.36 -10.49 -17.90
C ASN C 203 14.39 -10.18 -18.96
N LEU C 204 15.11 -9.06 -18.79
CA LEU C 204 16.16 -8.69 -19.75
C LEU C 204 17.19 -9.79 -19.85
N GLU C 205 17.84 -10.10 -18.73
CA GLU C 205 18.79 -11.21 -18.65
C GLU C 205 18.24 -12.50 -19.25
N ASN C 206 17.01 -12.88 -18.89
CA ASN C 206 16.60 -14.27 -19.06
C ASN C 206 15.45 -14.56 -20.03
N HIS C 207 14.54 -13.61 -20.31
CA HIS C 207 13.34 -14.00 -21.06
C HIS C 207 13.69 -14.24 -22.53
N PRO C 208 12.99 -15.18 -23.19
CA PRO C 208 13.09 -15.30 -24.64
C PRO C 208 12.32 -14.26 -25.46
N CYS C 209 11.08 -13.86 -25.11
CA CYS C 209 10.42 -12.80 -25.87
C CYS C 209 11.23 -11.51 -25.96
N LEU C 210 12.52 -11.53 -25.64
CA LEU C 210 13.36 -10.37 -25.83
C LEU C 210 14.59 -10.64 -26.71
N ARG C 211 14.70 -11.84 -27.31
CA ARG C 211 15.90 -12.25 -28.04
C ARG C 211 15.61 -12.34 -29.54
N ARG C 212 16.29 -11.47 -30.30
CA ARG C 212 16.25 -11.40 -31.76
C ARG C 212 16.13 -12.77 -32.41
N LEU D 12 -30.94 6.69 -33.07
CA LEU D 12 -30.88 6.37 -31.64
C LEU D 12 -31.34 7.56 -30.82
N LYS D 13 -32.08 7.28 -29.74
CA LYS D 13 -32.38 8.28 -28.72
C LYS D 13 -31.14 9.15 -28.50
N THR D 14 -31.28 10.45 -28.81
CA THR D 14 -30.19 11.37 -29.17
C THR D 14 -28.89 11.13 -28.40
N LYS D 15 -29.01 10.58 -27.18
CA LYS D 15 -27.89 10.42 -26.26
C LYS D 15 -26.62 9.90 -26.93
N GLU D 16 -26.73 8.86 -27.78
CA GLU D 16 -25.52 8.34 -28.43
C GLU D 16 -24.90 9.38 -29.34
N HIS D 17 -25.72 10.05 -30.14
CA HIS D 17 -25.16 11.08 -31.03
C HIS D 17 -24.61 12.27 -30.27
N LEU D 18 -24.96 12.42 -29.00
CA LEU D 18 -24.35 13.48 -28.20
C LEU D 18 -23.05 13.03 -27.55
N MET D 19 -22.90 11.73 -27.28
CA MET D 19 -21.61 11.22 -26.78
C MET D 19 -20.54 11.31 -27.85
N LEU D 20 -20.81 10.75 -29.03
CA LEU D 20 -19.86 10.77 -30.13
C LEU D 20 -19.40 12.19 -30.41
N ALA D 21 -20.24 13.18 -30.07
CA ALA D 21 -19.90 14.59 -30.23
C ALA D 21 -18.81 15.03 -29.26
N ALA D 22 -19.05 14.81 -27.97
CA ALA D 22 -18.04 15.15 -26.96
C ALA D 22 -16.76 14.37 -27.16
N LEU D 23 -16.87 13.19 -27.74
CA LEU D 23 -15.64 12.46 -28.00
C LEU D 23 -14.76 13.24 -28.96
N GLU D 24 -15.36 13.83 -29.99
CA GLU D 24 -14.60 14.68 -30.90
C GLU D 24 -14.04 15.89 -30.19
N THR D 25 -14.84 16.49 -29.31
CA THR D 25 -14.53 17.79 -28.73
C THR D 25 -13.48 17.69 -27.65
N PHE D 26 -13.51 16.64 -26.85
CA PHE D 26 -12.40 16.37 -25.93
C PHE D 26 -11.13 16.06 -26.69
N TYR D 27 -11.26 15.29 -27.77
CA TYR D 27 -10.12 14.95 -28.62
C TYR D 27 -9.55 16.18 -29.29
N ARG D 28 -10.42 17.08 -29.77
CA ARG D 28 -10.01 18.30 -30.42
C ARG D 28 -9.29 19.24 -29.48
N LYS D 29 -9.98 19.78 -28.48
CA LYS D 29 -9.47 20.91 -27.70
C LYS D 29 -8.94 20.53 -26.33
N GLY D 30 -8.94 19.25 -25.95
CA GLY D 30 -8.68 18.85 -24.59
C GLY D 30 -9.94 18.85 -23.73
N ILE D 31 -9.79 18.43 -22.48
CA ILE D 31 -10.94 18.43 -21.60
C ILE D 31 -11.03 19.72 -20.80
N ALA D 32 -9.89 20.20 -20.28
CA ALA D 32 -9.84 21.53 -19.69
C ALA D 32 -10.42 22.56 -20.67
N ARG D 33 -9.72 22.81 -21.78
CA ARG D 33 -10.11 23.82 -22.75
C ARG D 33 -11.34 23.43 -23.58
N THR D 34 -12.26 22.68 -22.99
CA THR D 34 -13.55 22.39 -23.61
C THR D 34 -14.65 22.90 -22.68
N SER D 35 -15.49 23.79 -23.21
CA SER D 35 -16.63 24.31 -22.48
C SER D 35 -17.92 23.63 -22.92
N LEU D 36 -18.93 23.68 -22.05
CA LEU D 36 -20.23 23.10 -22.36
C LEU D 36 -20.82 23.70 -23.63
N ASN D 37 -20.89 25.03 -23.69
CA ASN D 37 -20.98 25.78 -24.93
C ASN D 37 -20.45 25.01 -26.15
N GLU D 38 -19.16 24.67 -26.10
CA GLU D 38 -18.46 24.18 -27.29
C GLU D 38 -19.05 22.86 -27.80
N ILE D 39 -19.22 21.88 -26.91
CA ILE D 39 -19.62 20.55 -27.36
C ILE D 39 -20.95 20.62 -28.07
N ALA D 40 -21.91 21.30 -27.44
CA ALA D 40 -23.24 21.48 -28.02
C ALA D 40 -23.17 21.99 -29.44
N GLN D 41 -22.30 22.97 -29.69
CA GLN D 41 -22.24 23.57 -31.02
C GLN D 41 -21.82 22.55 -32.07
N ALA D 42 -21.07 21.55 -31.65
CA ALA D 42 -20.61 20.53 -32.60
C ALA D 42 -21.67 19.45 -32.82
N ALA D 43 -22.36 19.02 -31.76
CA ALA D 43 -23.46 18.08 -31.91
C ALA D 43 -24.62 18.67 -32.69
N GLY D 44 -24.69 19.99 -32.84
CA GLY D 44 -25.70 20.63 -33.65
C GLY D 44 -26.98 21.01 -32.93
N VAL D 45 -27.01 20.87 -31.60
CA VAL D 45 -28.24 20.95 -30.80
C VAL D 45 -28.19 22.22 -29.98
N THR D 46 -29.37 22.66 -29.51
CA THR D 46 -29.35 23.76 -28.55
C THR D 46 -28.58 23.33 -27.30
N ARG D 47 -27.94 24.30 -26.64
CA ARG D 47 -27.19 23.96 -25.44
C ARG D 47 -28.09 23.50 -24.29
N GLY D 48 -29.41 23.64 -24.41
CA GLY D 48 -30.34 23.07 -23.45
C GLY D 48 -30.75 21.63 -23.74
N ALA D 49 -31.00 21.30 -25.00
CA ALA D 49 -31.27 19.91 -25.38
C ALA D 49 -30.16 18.96 -24.94
N LEU D 50 -28.92 19.45 -24.79
CA LEU D 50 -27.89 18.62 -24.19
C LEU D 50 -28.23 18.28 -22.75
N TYR D 51 -28.86 19.21 -22.03
CA TYR D 51 -29.28 18.98 -20.65
C TYR D 51 -30.43 18.00 -20.51
N TRP D 52 -31.13 17.67 -21.59
CA TRP D 52 -32.16 16.66 -21.45
C TRP D 52 -31.56 15.28 -21.22
N HIS D 53 -30.33 15.06 -21.67
CA HIS D 53 -29.62 13.81 -21.50
C HIS D 53 -28.40 13.92 -20.60
N PHE D 54 -27.60 14.97 -20.75
CA PHE D 54 -26.31 15.11 -20.07
C PHE D 54 -26.21 16.46 -19.39
N LYS D 55 -26.21 16.46 -18.04
CA LYS D 55 -26.30 17.72 -17.30
C LYS D 55 -24.99 18.53 -17.31
N ASN D 56 -23.83 17.87 -17.37
CA ASN D 56 -22.54 18.56 -17.19
C ASN D 56 -21.44 17.81 -17.96
N LYS D 57 -20.24 18.41 -17.99
CA LYS D 57 -19.10 17.77 -18.66
C LYS D 57 -18.82 16.38 -18.10
N GLU D 58 -18.90 16.23 -16.77
CA GLU D 58 -18.64 14.96 -16.10
C GLU D 58 -19.49 13.84 -16.69
N ASP D 59 -20.81 14.05 -16.72
CA ASP D 59 -21.72 13.00 -17.14
C ASP D 59 -21.41 12.51 -18.55
N LEU D 60 -21.11 13.44 -19.46
CA LEU D 60 -20.70 13.03 -20.80
C LEU D 60 -19.48 12.13 -20.76
N PHE D 61 -18.58 12.38 -19.81
CA PHE D 61 -17.33 11.62 -19.74
C PHE D 61 -17.57 10.20 -19.24
N ASP D 62 -18.34 10.07 -18.17
CA ASP D 62 -18.78 8.77 -17.64
C ASP D 62 -19.63 8.01 -18.66
N ALA D 63 -20.43 8.70 -19.47
CA ALA D 63 -21.13 8.02 -20.56
C ALA D 63 -20.15 7.42 -21.55
N LEU D 64 -19.04 8.12 -21.83
CA LEU D 64 -18.04 7.60 -22.75
C LEU D 64 -17.27 6.44 -22.11
N PHE D 65 -16.77 6.64 -20.89
CA PHE D 65 -16.04 5.58 -20.19
C PHE D 65 -16.87 4.30 -20.14
N GLN D 66 -18.18 4.45 -19.96
CA GLN D 66 -19.06 3.30 -19.90
C GLN D 66 -19.02 2.49 -21.18
N ARG D 67 -19.23 3.16 -22.32
CA ARG D 67 -19.31 2.44 -23.59
C ARG D 67 -18.06 1.60 -23.81
N ILE D 68 -16.94 2.06 -23.26
CA ILE D 68 -15.69 1.31 -23.39
C ILE D 68 -15.72 0.07 -22.50
N CYS D 69 -15.84 0.27 -21.18
CA CYS D 69 -16.07 -0.85 -20.26
C CYS D 69 -17.15 -1.80 -20.78
N ASP D 70 -18.07 -1.30 -21.58
CA ASP D 70 -19.13 -2.13 -22.13
C ASP D 70 -18.68 -2.87 -23.37
N ASP D 71 -18.01 -2.17 -24.28
CA ASP D 71 -17.55 -2.85 -25.48
C ASP D 71 -16.58 -3.98 -25.14
N ILE D 72 -15.94 -3.93 -23.97
CA ILE D 72 -15.01 -4.97 -23.58
C ILE D 72 -15.75 -6.19 -23.04
N GLU D 73 -16.73 -5.99 -22.15
CA GLU D 73 -17.40 -7.13 -21.54
C GLU D 73 -18.16 -7.97 -22.56
N ASN D 74 -18.45 -7.43 -23.74
CA ASN D 74 -19.14 -8.17 -24.79
C ASN D 74 -18.19 -8.81 -25.79
N CYS D 75 -16.91 -8.96 -25.44
CA CYS D 75 -15.91 -9.60 -26.28
C CYS D 75 -15.53 -10.96 -25.70
N ILE D 76 -16.53 -11.69 -25.22
CA ILE D 76 -16.32 -12.88 -24.43
C ILE D 76 -17.37 -13.90 -24.85
N GLY D 85 -8.29 -23.65 -22.71
CA GLY D 85 -8.30 -23.69 -21.26
C GLY D 85 -9.36 -22.79 -20.61
N GLY D 86 -9.08 -22.33 -19.39
CA GLY D 86 -10.06 -21.63 -18.58
C GLY D 86 -10.16 -20.14 -18.78
N SER D 87 -10.28 -19.37 -17.69
CA SER D 87 -10.47 -17.93 -17.81
C SER D 87 -9.13 -17.20 -17.98
N TRP D 88 -8.06 -17.74 -17.39
CA TRP D 88 -6.72 -17.27 -17.71
C TRP D 88 -6.40 -17.50 -19.18
N THR D 89 -7.00 -18.53 -19.78
CA THR D 89 -6.89 -18.72 -21.22
C THR D 89 -7.55 -17.59 -21.98
N VAL D 90 -8.48 -16.87 -21.34
CA VAL D 90 -9.25 -15.82 -22.00
C VAL D 90 -8.70 -14.43 -21.67
N PHE D 91 -8.16 -14.25 -20.47
CA PHE D 91 -7.52 -12.99 -20.13
C PHE D 91 -6.55 -12.58 -21.24
N ARG D 92 -5.47 -13.30 -21.43
CA ARG D 92 -4.83 -13.27 -22.73
C ARG D 92 -5.85 -13.79 -23.72
N HIS D 93 -6.01 -13.10 -24.83
CA HIS D 93 -7.17 -13.11 -25.71
C HIS D 93 -7.87 -11.80 -25.47
N THR D 94 -8.45 -11.63 -24.29
CA THR D 94 -9.05 -10.36 -23.95
C THR D 94 -8.02 -9.24 -23.85
N LEU D 95 -6.76 -9.56 -23.59
CA LEU D 95 -5.75 -8.51 -23.60
C LEU D 95 -5.27 -8.24 -25.03
N LEU D 96 -5.12 -9.28 -25.83
CA LEU D 96 -4.73 -9.08 -27.22
C LEU D 96 -5.88 -8.50 -28.03
N HIS D 97 -7.11 -8.91 -27.76
CA HIS D 97 -8.27 -8.27 -28.40
C HIS D 97 -8.38 -6.81 -28.00
N PHE D 98 -8.12 -6.49 -26.72
CA PHE D 98 -8.15 -5.08 -26.31
C PHE D 98 -7.23 -4.24 -27.18
N PHE D 99 -6.00 -4.71 -27.39
CA PHE D 99 -5.01 -3.89 -28.05
C PHE D 99 -5.26 -3.79 -29.56
N GLU D 100 -5.93 -4.77 -30.14
CA GLU D 100 -6.22 -4.65 -31.56
C GLU D 100 -7.30 -3.61 -31.82
N ARG D 101 -8.23 -3.43 -30.87
CA ARG D 101 -9.30 -2.44 -31.01
C ARG D 101 -8.73 -1.03 -30.94
N LEU D 102 -7.91 -0.76 -29.92
CA LEU D 102 -7.21 0.51 -29.75
C LEU D 102 -6.49 1.01 -31.01
N GLN D 103 -6.22 0.12 -31.97
CA GLN D 103 -5.56 0.45 -33.21
C GLN D 103 -6.51 0.55 -34.40
N SER D 104 -7.62 -0.17 -34.34
CA SER D 104 -8.59 -0.26 -35.42
C SER D 104 -9.93 0.37 -35.10
N ASN D 105 -10.31 0.42 -33.82
CA ASN D 105 -11.63 0.88 -33.37
C ASN D 105 -11.54 2.37 -33.06
N ASP D 106 -12.19 3.19 -33.89
CA ASP D 106 -11.94 4.63 -33.89
C ASP D 106 -12.30 5.30 -32.58
N ILE D 107 -13.39 4.86 -31.93
CA ILE D 107 -13.79 5.42 -30.64
C ILE D 107 -12.81 5.01 -29.56
N HIS D 108 -12.60 3.70 -29.42
CA HIS D 108 -11.64 3.17 -28.45
C HIS D 108 -10.29 3.85 -28.58
N TYR D 109 -9.91 4.20 -29.81
CA TYR D 109 -8.66 4.92 -30.02
C TYR D 109 -8.70 6.32 -29.41
N LYS D 110 -9.80 7.06 -29.66
CA LYS D 110 -9.84 8.46 -29.28
C LYS D 110 -10.07 8.61 -27.79
N PHE D 111 -10.88 7.73 -27.21
CA PHE D 111 -11.16 7.79 -25.79
C PHE D 111 -9.89 7.70 -24.97
N HIS D 112 -9.11 6.63 -25.21
CA HIS D 112 -7.90 6.41 -24.41
C HIS D 112 -6.87 7.50 -24.67
N ASN D 113 -6.74 7.90 -25.94
CA ASN D 113 -5.95 9.06 -26.32
C ASN D 113 -6.24 10.27 -25.44
N ILE D 114 -7.53 10.55 -25.26
CA ILE D 114 -7.95 11.61 -24.35
C ILE D 114 -7.58 11.25 -22.91
N LEU D 115 -7.87 10.03 -22.50
CA LEU D 115 -7.74 9.68 -21.09
C LEU D 115 -6.30 9.87 -20.64
N PHE D 116 -5.36 9.50 -21.49
CA PHE D 116 -3.94 9.52 -21.20
C PHE D 116 -3.30 10.86 -21.47
N LEU D 117 -3.77 11.54 -22.52
CA LEU D 117 -3.06 12.71 -23.03
C LEU D 117 -3.76 14.04 -22.75
N LYS D 118 -5.06 14.07 -22.50
CA LYS D 118 -5.78 15.34 -22.54
C LYS D 118 -6.46 15.70 -21.23
N CYS D 119 -6.18 14.93 -20.17
CA CYS D 119 -6.89 15.02 -18.91
C CYS D 119 -5.99 15.66 -17.84
N GLU D 120 -5.69 16.93 -18.02
CA GLU D 120 -4.82 17.63 -17.07
C GLU D 120 -5.36 17.49 -15.66
N HIS D 121 -4.56 16.92 -14.77
CA HIS D 121 -5.00 16.74 -13.40
C HIS D 121 -4.94 18.09 -12.71
N THR D 122 -5.90 18.95 -13.05
CA THR D 122 -5.99 20.30 -12.52
C THR D 122 -7.34 20.50 -11.82
N GLU D 123 -7.48 21.67 -11.19
CA GLU D 123 -8.71 22.01 -10.46
C GLU D 123 -9.91 22.14 -11.39
N GLN D 124 -9.70 22.38 -12.68
CA GLN D 124 -10.83 22.46 -13.59
C GLN D 124 -11.33 21.09 -14.05
N ASN D 125 -10.53 20.05 -13.88
CA ASN D 125 -10.90 18.70 -14.25
C ASN D 125 -11.08 17.79 -13.05
N ALA D 126 -11.08 18.36 -11.84
CA ALA D 126 -11.09 17.57 -10.62
C ALA D 126 -12.15 16.48 -10.65
N ALA D 127 -13.40 16.87 -10.92
CA ALA D 127 -14.54 15.95 -10.91
C ALA D 127 -14.56 15.04 -12.11
N VAL D 128 -13.91 15.45 -13.21
CA VAL D 128 -13.62 14.54 -14.30
C VAL D 128 -12.62 13.47 -13.86
N ILE D 129 -11.54 13.87 -13.18
CA ILE D 129 -10.61 12.86 -12.66
C ILE D 129 -11.35 11.93 -11.73
N ALA D 130 -12.30 12.48 -10.96
CA ALA D 130 -13.16 11.70 -10.08
C ALA D 130 -13.80 10.51 -10.81
N ILE D 131 -14.57 10.82 -11.87
CA ILE D 131 -15.12 9.79 -12.75
C ILE D 131 -14.02 8.84 -13.21
N ALA D 132 -12.93 9.41 -13.73
CA ALA D 132 -11.80 8.61 -14.19
C ALA D 132 -11.33 7.65 -13.09
N ARG D 133 -11.00 8.18 -11.92
CA ARG D 133 -10.52 7.32 -10.84
C ARG D 133 -11.57 6.31 -10.44
N LYS D 134 -12.85 6.66 -10.53
CA LYS D 134 -13.90 5.71 -10.16
C LYS D 134 -13.90 4.49 -11.08
N HIS D 135 -13.58 4.70 -12.37
CA HIS D 135 -13.48 3.58 -13.30
C HIS D 135 -12.15 2.84 -13.25
N GLN D 136 -11.08 3.51 -12.81
CA GLN D 136 -9.83 2.81 -12.52
C GLN D 136 -9.96 1.84 -11.34
N ALA D 137 -10.90 2.08 -10.43
CA ALA D 137 -11.13 1.16 -9.33
C ALA D 137 -12.10 0.05 -9.70
N ILE D 138 -13.02 0.32 -10.62
CA ILE D 138 -13.84 -0.75 -11.18
C ILE D 138 -12.97 -1.72 -11.97
N TRP D 139 -11.99 -1.20 -12.73
CA TRP D 139 -11.04 -2.07 -13.42
C TRP D 139 -10.29 -2.94 -12.42
N ARG D 140 -9.71 -2.32 -11.39
CA ARG D 140 -8.90 -3.05 -10.42
C ARG D 140 -9.68 -4.21 -9.82
N GLU D 141 -11.00 -4.06 -9.67
CA GLU D 141 -11.82 -5.13 -9.13
C GLU D 141 -11.96 -6.29 -10.11
N LYS D 142 -12.29 -5.98 -11.36
CA LYS D 142 -12.40 -7.02 -12.38
C LYS D 142 -11.10 -7.80 -12.52
N ILE D 143 -9.98 -7.18 -12.20
CA ILE D 143 -8.71 -7.89 -12.30
C ILE D 143 -8.51 -8.82 -11.10
N THR D 144 -8.75 -8.31 -9.88
CA THR D 144 -8.67 -9.18 -8.70
C THR D 144 -9.62 -10.37 -8.86
N ALA D 145 -10.81 -10.12 -9.41
CA ALA D 145 -11.70 -11.18 -9.88
C ALA D 145 -10.95 -12.24 -10.68
N VAL D 146 -10.34 -11.83 -11.79
CA VAL D 146 -9.71 -12.80 -12.69
C VAL D 146 -8.57 -13.50 -12.00
N LEU D 147 -7.88 -12.81 -11.09
CA LEU D 147 -6.78 -13.44 -10.39
C LEU D 147 -7.25 -14.60 -9.53
N THR D 148 -8.41 -14.45 -8.89
CA THR D 148 -8.92 -15.57 -8.10
C THR D 148 -9.34 -16.75 -8.98
N GLU D 149 -10.18 -16.50 -9.99
CA GLU D 149 -10.55 -17.58 -10.91
C GLU D 149 -9.34 -18.35 -11.41
N ALA D 150 -8.22 -17.66 -11.63
CA ALA D 150 -7.04 -18.30 -12.18
C ALA D 150 -6.20 -19.02 -11.13
N VAL D 151 -6.44 -18.78 -9.85
CA VAL D 151 -5.78 -19.58 -8.81
C VAL D 151 -6.59 -20.82 -8.48
N GLU D 152 -7.91 -20.64 -8.31
CA GLU D 152 -8.81 -21.79 -8.24
C GLU D 152 -8.56 -22.75 -9.38
N ASN D 153 -8.46 -22.23 -10.60
CA ASN D 153 -8.19 -23.14 -11.70
C ASN D 153 -6.74 -23.60 -11.74
N GLN D 154 -5.97 -23.37 -10.68
CA GLN D 154 -4.56 -23.77 -10.61
C GLN D 154 -3.80 -23.29 -11.85
N ASP D 155 -4.04 -22.03 -12.21
CA ASP D 155 -3.25 -21.39 -13.24
C ASP D 155 -2.19 -20.48 -12.63
N LEU D 156 -2.40 -20.04 -11.39
CA LEU D 156 -1.48 -19.19 -10.66
C LEU D 156 -1.22 -19.80 -9.28
N ALA D 157 -0.14 -19.37 -8.64
CA ALA D 157 0.25 -19.92 -7.35
C ALA D 157 -0.60 -19.36 -6.22
N ASP D 158 -0.96 -20.21 -5.26
CA ASP D 158 -1.65 -19.69 -4.09
C ASP D 158 -0.80 -18.69 -3.31
N ASP D 159 0.50 -18.67 -3.57
CA ASP D 159 1.45 -17.84 -2.87
C ASP D 159 1.43 -16.41 -3.39
N LEU D 160 0.51 -16.12 -4.32
CA LEU D 160 0.58 -14.93 -5.16
C LEU D 160 0.24 -13.67 -4.40
N ASP D 161 0.91 -12.59 -4.77
CA ASP D 161 0.76 -11.29 -4.12
C ASP D 161 -0.30 -10.47 -4.85
N LYS D 162 -1.47 -11.08 -5.11
CA LYS D 162 -2.60 -10.48 -5.81
C LYS D 162 -2.67 -8.97 -5.73
N GLU D 163 -2.48 -8.44 -4.52
CA GLU D 163 -2.40 -7.00 -4.31
C GLU D 163 -1.35 -6.38 -5.21
N THR D 164 -0.09 -6.80 -5.04
CA THR D 164 1.01 -6.30 -5.85
C THR D 164 0.96 -6.82 -7.29
N ALA D 165 0.28 -7.93 -7.56
CA ALA D 165 0.11 -8.34 -8.95
C ALA D 165 -0.82 -7.41 -9.72
N VAL D 166 -1.70 -6.66 -9.05
CA VAL D 166 -2.60 -5.81 -9.83
C VAL D 166 -1.89 -4.57 -10.33
N ILE D 167 -1.06 -3.95 -9.48
CA ILE D 167 -0.15 -2.91 -9.96
C ILE D 167 0.65 -3.43 -11.15
N PHE D 168 1.31 -4.58 -10.98
CA PHE D 168 2.11 -5.14 -12.07
C PHE D 168 1.36 -5.20 -13.39
N ILE D 169 0.07 -5.47 -13.37
CA ILE D 169 -0.65 -5.59 -14.61
C ILE D 169 -1.00 -4.22 -15.18
N LYS D 170 -1.60 -3.37 -14.36
CA LYS D 170 -1.90 -2.02 -14.80
C LYS D 170 -0.62 -1.32 -15.25
N SER D 171 0.30 -1.13 -14.31
CA SER D 171 1.54 -0.38 -14.54
C SER D 171 2.26 -0.83 -15.83
N THR D 172 2.29 -2.13 -16.08
CA THR D 172 2.85 -2.66 -17.33
C THR D 172 2.03 -2.26 -18.55
N LEU D 173 0.71 -2.39 -18.47
CA LEU D 173 -0.17 -2.27 -19.63
C LEU D 173 -0.58 -0.81 -19.87
N ASP D 174 -0.97 -0.12 -18.82
CA ASP D 174 -1.06 1.33 -18.90
C ASP D 174 0.27 1.91 -19.36
N GLY D 175 1.38 1.28 -18.96
CA GLY D 175 2.70 1.77 -19.36
C GLY D 175 2.92 1.71 -20.86
N LEU D 176 2.60 0.57 -21.47
CA LEU D 176 2.78 0.44 -22.91
C LEU D 176 1.85 1.38 -23.65
N ILE D 177 0.60 1.50 -23.19
CA ILE D 177 -0.31 2.51 -23.72
C ILE D 177 0.29 3.91 -23.60
N TRP D 178 0.47 4.41 -22.37
CA TRP D 178 1.02 5.75 -22.20
C TRP D 178 2.28 5.97 -23.02
N ARG D 179 3.08 4.93 -23.17
CA ARG D 179 4.28 5.04 -23.99
C ARG D 179 3.92 5.19 -25.45
N TRP D 180 3.07 4.30 -25.98
CA TRP D 180 2.67 4.38 -27.39
C TRP D 180 1.94 5.69 -27.72
N PHE D 181 1.12 6.22 -26.81
CA PHE D 181 0.54 7.52 -27.13
C PHE D 181 1.61 8.60 -27.05
N SER D 182 2.02 8.93 -25.83
CA SER D 182 2.88 10.10 -25.58
C SER D 182 4.10 10.13 -26.50
N SER D 183 4.58 8.98 -26.97
CA SER D 183 5.68 8.96 -27.93
C SER D 183 5.24 9.29 -29.35
N GLY D 184 4.02 9.77 -29.54
CA GLY D 184 3.52 10.03 -30.88
C GLY D 184 3.31 8.79 -31.72
N GLU D 185 2.90 7.68 -31.11
CA GLU D 185 2.79 6.38 -31.78
C GLU D 185 4.07 6.00 -32.52
N SER D 186 5.20 6.20 -31.83
CA SER D 186 6.53 5.94 -32.38
C SER D 186 6.76 4.48 -32.82
N PHE D 187 6.03 3.49 -32.32
CA PHE D 187 6.38 2.11 -32.63
C PHE D 187 5.16 1.25 -32.95
N ASP D 188 5.41 0.12 -33.62
CA ASP D 188 4.36 -0.76 -34.08
C ASP D 188 3.75 -1.52 -32.89
N LEU D 189 2.50 -1.21 -32.59
CA LEU D 189 1.78 -1.75 -31.45
C LEU D 189 1.24 -3.15 -31.70
N GLY D 190 1.10 -3.56 -32.96
CA GLY D 190 0.55 -4.87 -33.22
C GLY D 190 1.58 -5.95 -33.03
N LYS D 191 2.84 -5.63 -33.34
CA LYS D 191 3.93 -6.56 -33.13
C LYS D 191 4.42 -6.50 -31.69
N THR D 192 4.36 -5.33 -31.06
CA THR D 192 4.87 -5.18 -29.70
C THR D 192 3.92 -5.66 -28.61
N ALA D 193 2.65 -5.21 -28.62
CA ALA D 193 1.71 -5.54 -27.54
C ALA D 193 1.74 -7.00 -27.11
N PRO D 194 1.62 -8.00 -28.00
CA PRO D 194 1.69 -9.39 -27.52
C PRO D 194 3.00 -9.71 -26.81
N ARG D 195 4.12 -9.19 -27.29
CA ARG D 195 5.37 -9.47 -26.62
C ARG D 195 5.37 -9.00 -25.18
N ILE D 196 4.87 -7.79 -24.93
CA ILE D 196 4.79 -7.31 -23.55
C ILE D 196 3.84 -8.19 -22.72
N ILE D 197 2.68 -8.55 -23.28
CA ILE D 197 1.75 -9.43 -22.59
C ILE D 197 2.40 -10.78 -22.29
N GLY D 198 3.04 -11.38 -23.28
CA GLY D 198 3.71 -12.66 -23.06
C GLY D 198 4.66 -12.62 -21.88
N ILE D 199 5.50 -11.60 -21.84
CA ILE D 199 6.40 -11.40 -20.71
C ILE D 199 5.60 -11.30 -19.42
N MET D 200 4.70 -10.32 -19.38
CA MET D 200 3.94 -10.02 -18.17
C MET D 200 3.18 -11.25 -17.65
N MET D 201 2.46 -11.94 -18.54
CA MET D 201 1.68 -13.11 -18.14
C MET D 201 2.56 -14.25 -17.60
N ASP D 202 3.74 -14.46 -18.19
CA ASP D 202 4.69 -15.40 -17.61
C ASP D 202 5.09 -14.96 -16.22
N ASN D 203 5.53 -13.71 -16.07
CA ASN D 203 5.97 -13.20 -14.77
C ASN D 203 4.95 -13.53 -13.69
N LEU D 204 3.66 -13.30 -13.99
CA LEU D 204 2.61 -13.53 -13.00
C LEU D 204 2.61 -14.97 -12.56
N GLU D 205 2.65 -15.89 -13.51
CA GLU D 205 2.77 -17.29 -13.16
C GLU D 205 4.00 -17.53 -12.29
N ASN D 206 5.19 -17.31 -12.85
CA ASN D 206 6.41 -17.91 -12.37
C ASN D 206 7.24 -17.03 -11.45
N HIS D 207 6.81 -15.80 -11.15
CA HIS D 207 7.96 -15.06 -10.62
C HIS D 207 7.90 -14.91 -9.10
N PRO D 208 9.05 -15.07 -8.44
CA PRO D 208 9.06 -15.06 -6.96
C PRO D 208 8.85 -13.69 -6.38
N CYS D 209 9.14 -12.63 -7.15
CA CYS D 209 8.97 -11.29 -6.63
C CYS D 209 7.51 -10.83 -6.62
N LEU D 210 6.61 -11.60 -7.23
CA LEU D 210 5.18 -11.34 -7.20
C LEU D 210 4.46 -12.18 -6.15
N ARG D 211 5.13 -12.51 -5.05
CA ARG D 211 4.56 -13.43 -4.06
C ARG D 211 4.69 -12.90 -2.65
N ARG D 212 4.45 -13.77 -1.69
CA ARG D 212 4.64 -13.44 -0.29
C ARG D 212 5.92 -14.06 0.22
#